data_2XFS
#
_entry.id   2XFS
#
_cell.length_a   61.593
_cell.length_b   100.589
_cell.length_c   81.241
_cell.angle_alpha   90.00
_cell.angle_beta   93.77
_cell.angle_gamma   90.00
#
_symmetry.space_group_name_H-M   'P 1 21 1'
#
loop_
_entity.id
_entity.type
_entity.pdbx_description
1 polymer ORF12
2 non-polymer '(2R,3Z,5R)-3-(2-HYDROXYETHYLIDENE)-7-OXO-4-OXA-1-AZABICYCLO[3.2.0]HEPTANE-2-CARBOXYLIC ACID'
3 water water
#
_entity_poly.entity_id   1
_entity_poly.type   'polypeptide(L)'
_entity_poly.pdbx_seq_one_letter_code
;MMKKADSVPTPAEAALAAQTALAADDSPMGDAARWAMGLLTSSGLPRPEDVAARFIPTFAAAGNFAETVREWRSKGPFTV
RAYHPVAHKGWVVLSAPAGVRYILSLTLDSSGLIRILTLKPETVIPDMVTWNDVEETLHTPGVQHSVYAVRLTPDGHEVL
HASAPERPMPTGAAYKLYLMRALVAEIEKGTVGWDEILTLTPELRSLPTGDMQDLPDGTRVTVRETAHKMIALSDNTGAD
LVADRLGREVVERSLAAAGHHDPSLMRPFLTSHEVFELGWGDPERRAEWVRQDEAGRRELLEKMAGVMTVRGSDLGATVH
QLGIDWHMDAFDVVRVLEGLLQDSGRDTSGTVEEILTAYPGLLIDEERWRRVYFKAGSSPGVMMFCWLLQDHAGISYVLV
LRQSADEQRLIGDGLFLRGIGAKIIEAEAKLLSSGERRGAGTAAAGDDRASAGEAARR
;
_entity_poly.pdbx_strand_id   A,B
#
loop_
_chem_comp.id
_chem_comp.type
_chem_comp.name
_chem_comp.formula
J01 non-polymer '(2R,3Z,5R)-3-(2-HYDROXYETHYLIDENE)-7-OXO-4-OXA-1-AZABICYCLO[3.2.0]HEPTANE-2-CARBOXYLIC ACID' 'C8 H9 N O5'
#
# COMPACT_ATOMS: atom_id res chain seq x y z
N VAL A 8 -22.10 2.74 13.90
CA VAL A 8 -22.55 1.66 12.92
C VAL A 8 -24.03 1.81 12.57
N PRO A 9 -24.39 1.96 11.27
CA PRO A 9 -25.80 2.37 11.01
C PRO A 9 -26.82 1.32 11.45
N THR A 10 -27.82 1.74 12.21
CA THR A 10 -28.97 0.86 12.57
C THR A 10 -29.83 0.64 11.30
N PRO A 11 -30.73 -0.36 11.31
CA PRO A 11 -31.60 -0.55 10.15
C PRO A 11 -32.27 0.71 9.52
N ALA A 12 -32.94 1.52 10.32
CA ALA A 12 -33.63 2.72 9.83
C ALA A 12 -32.62 3.74 9.27
N GLU A 13 -31.44 3.79 9.88
CA GLU A 13 -30.39 4.72 9.43
C GLU A 13 -29.85 4.31 8.08
N ALA A 14 -29.60 3.02 7.91
CA ALA A 14 -29.06 2.50 6.65
C ALA A 14 -30.07 2.67 5.49
N ALA A 15 -31.35 2.42 5.74
CA ALA A 15 -32.37 2.52 4.70
C ALA A 15 -32.52 4.00 4.34
N LEU A 16 -32.58 4.88 5.35
CA LEU A 16 -32.64 6.32 5.05
C LEU A 16 -31.45 6.81 4.23
N ALA A 17 -30.24 6.39 4.59
CA ALA A 17 -29.01 6.81 3.89
C ALA A 17 -29.00 6.27 2.46
N ALA A 18 -29.46 5.04 2.30
CA ALA A 18 -29.62 4.47 0.94
C ALA A 18 -30.59 5.23 0.08
N GLN A 19 -31.75 5.57 0.64
CA GLN A 19 -32.79 6.31 -0.06
C GLN A 19 -32.28 7.71 -0.48
N THR A 20 -31.58 8.37 0.43
CA THR A 20 -31.09 9.73 0.14
C THR A 20 -29.97 9.68 -0.93
N ALA A 21 -29.10 8.69 -0.81
CA ALA A 21 -28.00 8.49 -1.76
C ALA A 21 -28.50 8.14 -3.15
N LEU A 22 -29.50 7.26 -3.26
CA LEU A 22 -30.13 7.00 -4.57
C LEU A 22 -30.72 8.25 -5.25
N ALA A 23 -31.41 9.07 -4.46
CA ALA A 23 -32.00 10.32 -4.97
C ALA A 23 -30.94 11.31 -5.39
N ALA A 24 -29.78 11.28 -4.74
CA ALA A 24 -28.73 12.31 -4.99
C ALA A 24 -27.64 11.88 -6.00
N ASP A 25 -27.73 10.64 -6.45
CA ASP A 25 -26.67 10.01 -7.23
C ASP A 25 -26.69 10.53 -8.65
N ASP A 26 -25.81 11.51 -8.91
CA ASP A 26 -25.77 12.23 -10.16
C ASP A 26 -24.78 11.51 -11.05
N SER A 27 -25.22 10.42 -11.65
CA SER A 27 -24.35 9.56 -12.47
C SER A 27 -25.23 8.70 -13.37
N PRO A 28 -24.63 8.02 -14.37
CA PRO A 28 -25.40 7.07 -15.17
C PRO A 28 -26.14 5.99 -14.33
N MET A 29 -25.48 5.43 -13.33
CA MET A 29 -26.14 4.44 -12.45
C MET A 29 -27.27 5.10 -11.64
N GLY A 30 -27.02 6.28 -11.11
CA GLY A 30 -28.08 7.00 -10.37
C GLY A 30 -29.31 7.23 -11.24
N ASP A 31 -29.10 7.71 -12.48
CA ASP A 31 -30.17 7.94 -13.45
C ASP A 31 -30.97 6.67 -13.76
N ALA A 32 -30.26 5.59 -14.09
CA ALA A 32 -30.90 4.32 -14.40
C ALA A 32 -31.63 3.72 -13.18
N ALA A 33 -30.98 3.72 -12.02
CA ALA A 33 -31.55 3.17 -10.78
C ALA A 33 -32.83 3.93 -10.41
N ARG A 34 -32.77 5.27 -10.49
CA ARG A 34 -33.99 6.07 -10.21
C ARG A 34 -35.13 5.78 -11.19
N TRP A 35 -34.79 5.63 -12.48
CA TRP A 35 -35.80 5.34 -13.48
C TRP A 35 -36.43 3.97 -13.23
N ALA A 36 -35.58 2.98 -12.99
CA ALA A 36 -36.08 1.60 -12.75
C ALA A 36 -36.94 1.54 -11.48
N MET A 37 -36.51 2.20 -10.41
CA MET A 37 -37.35 2.31 -9.22
C MET A 37 -38.74 2.95 -9.52
N GLY A 38 -38.79 3.99 -10.36
CA GLY A 38 -40.07 4.57 -10.80
C GLY A 38 -41.00 3.60 -11.52
N LEU A 39 -40.45 2.69 -12.32
CA LEU A 39 -41.27 1.66 -12.98
C LEU A 39 -41.96 0.82 -11.94
N LEU A 40 -41.29 0.60 -10.81
CA LEU A 40 -41.78 -0.29 -9.76
C LEU A 40 -42.81 0.39 -8.88
N THR A 41 -42.72 1.72 -8.74
CA THR A 41 -43.48 2.41 -7.69
C THR A 41 -44.56 3.36 -8.20
N SER A 42 -44.66 3.53 -9.51
CA SER A 42 -45.62 4.46 -10.11
C SER A 42 -46.83 3.75 -10.70
N SER A 43 -47.61 4.44 -11.55
CA SER A 43 -48.75 3.80 -12.26
C SER A 43 -48.71 3.97 -13.77
N ARG A 47 -45.40 2.62 -21.44
CA ARG A 47 -45.04 3.65 -22.43
C ARG A 47 -43.79 3.25 -23.23
N PRO A 48 -43.97 2.41 -24.27
CA PRO A 48 -42.89 1.73 -25.01
C PRO A 48 -41.73 2.60 -25.52
N GLU A 49 -41.99 3.89 -25.71
CA GLU A 49 -40.98 4.82 -26.25
C GLU A 49 -39.94 5.22 -25.22
N ASP A 50 -40.41 5.43 -23.98
CA ASP A 50 -39.56 5.87 -22.89
C ASP A 50 -38.73 4.70 -22.38
N VAL A 51 -39.30 3.51 -22.50
CA VAL A 51 -38.59 2.28 -22.18
C VAL A 51 -37.47 2.06 -23.19
N ALA A 52 -37.81 2.13 -24.48
CA ALA A 52 -36.86 1.85 -25.55
C ALA A 52 -35.68 2.80 -25.48
N ALA A 53 -35.94 4.04 -25.08
CA ALA A 53 -34.90 5.05 -24.94
C ALA A 53 -33.98 4.81 -23.72
N ARG A 54 -34.39 3.97 -22.78
CA ARG A 54 -33.59 3.76 -21.56
C ARG A 54 -32.66 2.56 -21.65
N PHE A 55 -32.93 1.71 -22.63
CA PHE A 55 -32.28 0.43 -22.79
C PHE A 55 -31.43 0.45 -24.03
N ILE A 56 -30.50 -0.48 -24.09
CA ILE A 56 -29.69 -0.67 -25.28
C ILE A 56 -30.55 -0.92 -26.52
N PRO A 57 -30.10 -0.44 -27.70
CA PRO A 57 -30.95 -0.53 -28.92
C PRO A 57 -31.41 -1.94 -29.26
N THR A 58 -30.62 -2.96 -28.93
CA THR A 58 -30.94 -4.33 -29.28
C THR A 58 -31.62 -5.05 -28.13
N PHE A 59 -32.20 -4.29 -27.20
CA PHE A 59 -33.02 -4.84 -26.13
C PHE A 59 -34.45 -5.13 -26.62
N ASN A 64 -42.95 -8.11 -24.17
CA ASN A 64 -42.50 -8.98 -23.08
C ASN A 64 -42.19 -8.18 -21.81
N PHE A 65 -41.52 -7.03 -21.97
CA PHE A 65 -41.06 -6.24 -20.84
C PHE A 65 -42.23 -5.64 -20.07
N ALA A 66 -43.28 -5.27 -20.78
CA ALA A 66 -44.49 -4.74 -20.15
C ALA A 66 -45.09 -5.78 -19.19
N GLU A 67 -45.11 -7.04 -19.60
CA GLU A 67 -45.59 -8.15 -18.78
C GLU A 67 -44.61 -8.38 -17.61
N THR A 68 -43.32 -8.31 -17.94
CA THR A 68 -42.25 -8.40 -16.93
C THR A 68 -42.45 -7.36 -15.84
N VAL A 69 -42.74 -6.10 -16.24
CA VAL A 69 -42.92 -5.00 -15.27
C VAL A 69 -44.18 -5.12 -14.42
N ARG A 70 -45.27 -5.57 -15.04
CA ARG A 70 -46.53 -5.86 -14.37
C ARG A 70 -46.31 -6.88 -13.23
N GLU A 71 -45.61 -7.96 -13.53
CA GLU A 71 -45.33 -9.00 -12.55
C GLU A 71 -44.43 -8.48 -11.43
N TRP A 72 -43.42 -7.71 -11.78
CA TRP A 72 -42.56 -7.03 -10.78
C TRP A 72 -43.42 -6.17 -9.86
N ARG A 73 -44.22 -5.30 -10.46
CA ARG A 73 -45.06 -4.39 -9.68
C ARG A 73 -46.03 -5.11 -8.74
N SER A 74 -46.55 -6.28 -9.15
CA SER A 74 -47.48 -7.08 -8.31
C SER A 74 -46.83 -7.51 -6.97
N LYS A 75 -45.49 -7.50 -6.91
CA LYS A 75 -44.79 -7.93 -5.70
C LYS A 75 -44.65 -6.83 -4.65
N GLY A 76 -44.93 -5.58 -5.04
CA GLY A 76 -44.78 -4.44 -4.16
C GLY A 76 -45.90 -4.28 -3.14
N PRO A 77 -45.95 -3.12 -2.46
CA PRO A 77 -45.05 -1.95 -2.60
C PRO A 77 -43.66 -2.21 -2.08
N PHE A 78 -42.68 -1.46 -2.58
CA PHE A 78 -41.27 -1.66 -2.29
C PHE A 78 -40.73 -0.48 -1.49
N THR A 79 -39.90 -0.80 -0.53
CA THR A 79 -39.13 0.21 0.19
C THR A 79 -37.65 -0.03 -0.04
N VAL A 80 -36.91 1.03 -0.45
CA VAL A 80 -35.45 0.94 -0.55
C VAL A 80 -34.77 0.75 0.82
N ARG A 81 -33.96 -0.29 0.91
CA ARG A 81 -33.26 -0.67 2.14
C ARG A 81 -31.73 -0.55 2.01
N ALA A 82 -31.20 -0.79 0.80
CA ALA A 82 -29.77 -0.57 0.52
C ALA A 82 -29.53 -0.22 -0.96
N TYR A 83 -28.48 0.56 -1.24
CA TYR A 83 -28.22 0.99 -2.60
C TYR A 83 -26.72 0.85 -2.83
N HIS A 84 -26.36 0.07 -3.84
CA HIS A 84 -24.96 -0.33 -4.09
C HIS A 84 -24.53 -0.03 -5.53
N PRO A 85 -24.28 1.25 -5.85
CA PRO A 85 -23.76 1.53 -7.18
C PRO A 85 -22.25 1.21 -7.27
N VAL A 86 -21.86 0.53 -8.36
CA VAL A 86 -20.47 0.20 -8.62
C VAL A 86 -20.17 0.32 -10.13
N ALA A 87 -19.80 1.53 -10.55
CA ALA A 87 -19.53 1.80 -11.95
C ALA A 87 -20.80 1.44 -12.78
N HIS A 88 -20.65 0.60 -13.80
CA HIS A 88 -21.74 0.19 -14.68
C HIS A 88 -22.63 -0.93 -14.07
N LYS A 89 -22.30 -1.37 -12.86
CA LYS A 89 -23.11 -2.38 -12.14
C LYS A 89 -23.81 -1.71 -10.93
N GLY A 90 -25.07 -2.10 -10.68
CA GLY A 90 -25.75 -1.56 -9.48
C GLY A 90 -26.74 -2.55 -8.90
N TRP A 91 -26.97 -2.42 -7.60
CA TRP A 91 -27.89 -3.28 -6.88
C TRP A 91 -28.70 -2.39 -5.94
N VAL A 92 -30.01 -2.61 -5.94
CA VAL A 92 -30.88 -1.92 -4.95
C VAL A 92 -31.61 -3.03 -4.18
N VAL A 93 -31.49 -2.99 -2.86
CA VAL A 93 -32.11 -3.99 -1.99
C VAL A 93 -33.44 -3.38 -1.55
N LEU A 94 -34.54 -4.14 -1.73
CA LEU A 94 -35.93 -3.63 -1.54
C LEU A 94 -36.65 -4.55 -0.56
N SER A 95 -37.41 -3.96 0.33
CA SER A 95 -38.34 -4.76 1.10
C SER A 95 -39.74 -4.57 0.53
N ALA A 96 -40.44 -5.68 0.44
CA ALA A 96 -41.81 -5.75 -0.06
C ALA A 96 -42.68 -6.06 1.19
N PRO A 97 -44.01 -6.28 1.03
CA PRO A 97 -44.78 -6.62 2.27
C PRO A 97 -44.26 -7.85 3.01
N ALA A 98 -44.50 -7.89 4.32
CA ALA A 98 -44.30 -9.11 5.13
C ALA A 98 -42.84 -9.56 5.21
N GLY A 99 -41.92 -8.57 5.16
CA GLY A 99 -40.47 -8.79 5.36
C GLY A 99 -39.79 -9.50 4.19
N VAL A 100 -40.50 -9.65 3.07
CA VAL A 100 -39.93 -10.31 1.91
C VAL A 100 -39.02 -9.31 1.20
N ARG A 101 -37.79 -9.73 0.91
CA ARG A 101 -36.85 -8.85 0.26
C ARG A 101 -36.46 -9.31 -1.15
N TYR A 102 -36.24 -8.31 -2.01
CA TYR A 102 -35.75 -8.49 -3.38
C TYR A 102 -34.54 -7.64 -3.69
N ILE A 103 -33.82 -7.99 -4.75
CA ILE A 103 -32.76 -7.11 -5.25
C ILE A 103 -33.03 -6.79 -6.71
N LEU A 104 -32.90 -5.50 -7.02
CA LEU A 104 -32.93 -5.02 -8.38
C LEU A 104 -31.49 -4.85 -8.81
N SER A 105 -31.14 -5.56 -9.88
CA SER A 105 -29.79 -5.55 -10.46
C SER A 105 -29.77 -4.83 -11.79
N LEU A 106 -28.85 -3.88 -11.89
CA LEU A 106 -28.62 -3.17 -13.13
C LEU A 106 -27.21 -3.38 -13.66
N THR A 107 -27.14 -3.53 -14.98
CA THR A 107 -25.89 -3.52 -15.73
C THR A 107 -26.07 -2.52 -16.86
N LEU A 108 -25.17 -1.54 -16.93
CA LEU A 108 -25.26 -0.48 -17.96
C LEU A 108 -24.21 -0.66 -19.08
N ASP A 109 -24.46 -0.04 -20.24
CA ASP A 109 -23.48 0.07 -21.31
C ASP A 109 -22.69 1.35 -21.13
N SER A 110 -21.83 1.66 -22.10
CA SER A 110 -20.82 2.70 -21.92
C SER A 110 -21.38 4.13 -21.90
N SER A 111 -22.63 4.30 -22.31
CA SER A 111 -23.28 5.62 -22.27
C SER A 111 -24.43 5.63 -21.26
N GLY A 112 -24.57 4.54 -20.49
CA GLY A 112 -25.55 4.50 -19.42
C GLY A 112 -26.93 4.00 -19.79
N LEU A 113 -27.05 3.33 -20.92
CA LEU A 113 -28.26 2.63 -21.30
C LEU A 113 -28.24 1.32 -20.53
N ILE A 114 -29.44 0.83 -20.22
CA ILE A 114 -29.56 -0.40 -19.46
C ILE A 114 -29.39 -1.60 -20.38
N ARG A 115 -28.42 -2.46 -20.06
CA ARG A 115 -28.33 -3.76 -20.78
C ARG A 115 -29.09 -4.88 -20.05
N ILE A 116 -28.95 -4.95 -18.73
CA ILE A 116 -29.62 -5.99 -17.95
C ILE A 116 -30.35 -5.37 -16.78
N LEU A 117 -31.59 -5.80 -16.59
CA LEU A 117 -32.41 -5.35 -15.43
C LEU A 117 -33.21 -6.55 -14.91
N THR A 118 -32.88 -7.01 -13.70
CA THR A 118 -33.65 -8.09 -13.08
C THR A 118 -34.16 -7.70 -11.71
N LEU A 119 -35.28 -8.30 -11.31
CA LEU A 119 -35.75 -8.17 -9.93
C LEU A 119 -35.93 -9.58 -9.43
N LYS A 120 -35.13 -9.95 -8.44
CA LYS A 120 -35.03 -11.37 -8.00
C LYS A 120 -35.09 -11.49 -6.48
N PRO A 121 -35.38 -12.71 -5.97
CA PRO A 121 -35.34 -12.91 -4.53
C PRO A 121 -33.99 -12.46 -3.96
N GLU A 122 -34.03 -11.87 -2.77
CA GLU A 122 -32.79 -11.40 -2.16
C GLU A 122 -31.63 -12.45 -2.04
N THR A 123 -30.39 -12.00 -2.31
CA THR A 123 -29.22 -12.82 -2.12
C THR A 123 -28.74 -12.47 -0.72
N VAL A 124 -28.78 -13.44 0.20
CA VAL A 124 -28.45 -13.21 1.63
C VAL A 124 -26.99 -13.63 1.89
N ILE A 125 -26.17 -12.66 2.28
CA ILE A 125 -24.80 -12.96 2.69
C ILE A 125 -24.64 -12.37 4.09
N PRO A 126 -24.35 -13.22 5.08
CA PRO A 126 -24.21 -12.73 6.46
C PRO A 126 -22.85 -12.09 6.67
N ASP A 127 -22.70 -11.27 7.72
CA ASP A 127 -21.39 -10.73 8.08
C ASP A 127 -20.45 -11.91 8.46
N MET A 128 -19.21 -11.89 7.98
CA MET A 128 -18.28 -13.00 8.21
C MET A 128 -17.34 -12.66 9.35
N VAL A 129 -17.19 -13.60 10.30
CA VAL A 129 -16.32 -13.42 11.46
C VAL A 129 -15.09 -14.30 11.31
N THR A 130 -15.32 -15.51 10.80
CA THR A 130 -14.28 -16.52 10.62
C THR A 130 -14.26 -17.03 9.17
N TRP A 131 -13.15 -17.65 8.77
CA TRP A 131 -13.08 -18.33 7.47
C TRP A 131 -14.07 -19.50 7.36
N ASN A 132 -14.36 -20.14 8.50
CA ASN A 132 -15.38 -21.19 8.50
C ASN A 132 -16.78 -20.63 8.20
N ASP A 133 -17.08 -19.41 8.67
CA ASP A 133 -18.29 -18.72 8.20
C ASP A 133 -18.38 -18.67 6.67
N VAL A 134 -17.28 -18.30 6.04
CA VAL A 134 -17.20 -18.25 4.61
C VAL A 134 -17.54 -19.64 4.00
N GLU A 135 -16.82 -20.66 4.46
CA GLU A 135 -16.97 -22.01 3.91
C GLU A 135 -18.39 -22.55 4.04
N GLU A 136 -18.94 -22.38 5.24
CA GLU A 136 -20.28 -22.88 5.57
C GLU A 136 -21.38 -22.10 4.90
N THR A 137 -21.15 -20.83 4.63
CA THR A 137 -22.14 -20.03 3.89
C THR A 137 -22.13 -20.42 2.42
N LEU A 138 -20.93 -20.54 1.87
CA LEU A 138 -20.75 -20.76 0.43
C LEU A 138 -21.15 -22.16 -0.02
N HIS A 139 -20.79 -23.19 0.76
CA HIS A 139 -21.09 -24.56 0.33
C HIS A 139 -22.51 -24.79 -0.19
N THR A 140 -22.63 -25.35 -1.40
CA THR A 140 -23.91 -25.75 -1.98
C THR A 140 -23.78 -27.18 -2.53
N PRO A 141 -24.69 -28.08 -2.11
CA PRO A 141 -24.59 -29.42 -2.70
C PRO A 141 -24.69 -29.36 -4.24
N GLY A 142 -23.78 -30.07 -4.90
CA GLY A 142 -23.76 -30.13 -6.36
C GLY A 142 -22.86 -29.04 -6.96
N VAL A 143 -22.32 -28.16 -6.10
CA VAL A 143 -21.40 -27.10 -6.57
C VAL A 143 -19.99 -27.36 -5.99
N GLN A 144 -18.97 -27.31 -6.84
CA GLN A 144 -17.57 -27.38 -6.40
C GLN A 144 -17.17 -25.95 -6.12
N HIS A 145 -16.59 -25.64 -4.97
CA HIS A 145 -16.15 -24.25 -4.74
C HIS A 145 -14.75 -24.28 -4.23
N SER A 146 -14.12 -23.12 -4.22
CA SER A 146 -12.77 -22.98 -3.76
C SER A 146 -12.61 -21.53 -3.26
N VAL A 147 -11.92 -21.36 -2.13
CA VAL A 147 -11.60 -20.03 -1.59
C VAL A 147 -10.11 -20.05 -1.31
N TYR A 148 -9.38 -19.03 -1.81
CA TYR A 148 -7.94 -18.93 -1.57
C TYR A 148 -7.58 -17.48 -1.29
N ALA A 149 -6.94 -17.24 -0.14
CA ALA A 149 -6.62 -15.89 0.35
C ALA A 149 -5.18 -15.96 0.83
N VAL A 150 -4.34 -15.04 0.35
CA VAL A 150 -2.91 -15.05 0.65
C VAL A 150 -2.47 -13.61 0.92
N ARG A 151 -1.42 -13.46 1.72
CA ARG A 151 -0.62 -12.26 1.71
C ARG A 151 0.67 -12.51 0.92
N LEU A 152 1.00 -11.56 0.06
CA LEU A 152 2.16 -11.66 -0.84
C LEU A 152 3.34 -11.13 -0.07
N THR A 153 4.44 -11.86 -0.08
CA THR A 153 5.67 -11.38 0.60
C THR A 153 6.87 -11.53 -0.37
N PRO A 154 8.01 -10.84 -0.06
CA PRO A 154 9.19 -11.00 -0.92
C PRO A 154 9.60 -12.46 -1.08
N ASP A 155 9.33 -13.25 -0.06
CA ASP A 155 9.84 -14.61 -0.03
C ASP A 155 8.77 -15.68 -0.27
N GLY A 156 7.63 -15.28 -0.84
CA GLY A 156 6.54 -16.22 -1.10
C GLY A 156 5.25 -15.77 -0.42
N HIS A 157 4.22 -16.58 -0.55
CA HIS A 157 2.88 -16.19 -0.15
C HIS A 157 2.57 -16.78 1.23
N GLU A 158 1.96 -15.99 2.09
CA GLU A 158 1.48 -16.50 3.38
C GLU A 158 0.00 -16.86 3.19
N VAL A 159 -0.34 -18.12 3.45
CA VAL A 159 -1.71 -18.61 3.19
C VAL A 159 -2.62 -18.29 4.40
N LEU A 160 -3.65 -17.51 4.13
CA LEU A 160 -4.58 -17.05 5.15
C LEU A 160 -5.75 -18.04 5.27
N HIS A 161 -6.07 -18.70 4.16
CA HIS A 161 -7.16 -19.66 4.08
C HIS A 161 -7.16 -20.32 2.72
N ALA A 162 -7.50 -21.61 2.65
CA ALA A 162 -7.45 -22.34 1.41
C ALA A 162 -8.46 -23.46 1.42
N SER A 163 -9.32 -23.48 0.41
CA SER A 163 -10.14 -24.63 0.14
C SER A 163 -10.00 -24.95 -1.33
N ALA A 164 -9.46 -26.14 -1.57
CA ALA A 164 -9.28 -26.68 -2.90
C ALA A 164 -8.51 -25.79 -3.92
N PRO A 165 -7.43 -25.08 -3.49
CA PRO A 165 -6.77 -24.17 -4.41
C PRO A 165 -6.10 -24.95 -5.54
N GLU A 166 -5.74 -26.20 -5.25
CA GLU A 166 -5.06 -27.03 -6.24
C GLU A 166 -5.97 -27.56 -7.34
N ARG A 167 -7.28 -27.49 -7.12
CA ARG A 167 -8.24 -27.91 -8.14
C ARG A 167 -8.31 -26.92 -9.32
N PRO A 168 -7.98 -27.40 -10.55
CA PRO A 168 -8.23 -26.66 -11.77
C PRO A 168 -9.73 -26.57 -11.96
N MET A 169 -10.19 -25.37 -12.24
CA MET A 169 -11.60 -25.12 -12.41
C MET A 169 -11.78 -24.11 -13.57
N PRO A 170 -12.95 -24.14 -14.26
CA PRO A 170 -13.22 -23.11 -15.29
C PRO A 170 -13.33 -21.72 -14.62
N THR A 171 -12.90 -20.67 -15.32
CA THR A 171 -12.86 -19.35 -14.69
C THR A 171 -13.39 -18.26 -15.60
N GLY A 172 -13.99 -18.62 -16.73
CA GLY A 172 -14.58 -17.62 -17.63
C GLY A 172 -13.53 -16.55 -18.02
N ALA A 173 -13.97 -15.29 -18.03
CA ALA A 173 -13.13 -14.12 -18.36
C ALA A 173 -11.94 -13.85 -17.44
N ALA A 174 -11.69 -14.66 -16.43
CA ALA A 174 -10.40 -14.54 -15.74
C ALA A 174 -9.23 -14.77 -16.74
N TYR A 175 -9.48 -15.49 -17.84
CA TYR A 175 -8.46 -15.67 -18.87
C TYR A 175 -7.95 -14.34 -19.41
N LYS A 176 -8.77 -13.30 -19.33
CA LYS A 176 -8.40 -12.00 -19.87
C LYS A 176 -7.23 -11.39 -19.05
N LEU A 177 -6.95 -11.97 -17.89
CA LEU A 177 -5.75 -11.54 -17.10
C LEU A 177 -4.49 -11.99 -17.83
N TYR A 178 -4.52 -13.21 -18.34
CA TYR A 178 -3.42 -13.69 -19.19
C TYR A 178 -3.30 -12.93 -20.49
N LEU A 179 -4.42 -12.65 -21.15
CA LEU A 179 -4.43 -11.80 -22.36
C LEU A 179 -3.77 -10.43 -22.12
N MET A 180 -4.11 -9.83 -20.98
CA MET A 180 -3.49 -8.56 -20.60
C MET A 180 -1.97 -8.70 -20.46
N ARG A 181 -1.51 -9.82 -19.87
CA ARG A 181 -0.07 -10.00 -19.65
C ARG A 181 0.66 -10.22 -20.98
N ALA A 182 0.04 -11.00 -21.88
CA ALA A 182 0.53 -11.20 -23.25
C ALA A 182 0.66 -9.86 -23.99
N LEU A 183 -0.39 -9.01 -23.85
CA LEU A 183 -0.36 -7.72 -24.49
C LEU A 183 0.79 -6.84 -23.98
N VAL A 184 0.91 -6.72 -22.66
CA VAL A 184 1.99 -5.93 -22.03
C VAL A 184 3.38 -6.45 -22.47
N ALA A 185 3.52 -7.76 -22.54
CA ALA A 185 4.76 -8.39 -23.03
C ALA A 185 5.14 -7.92 -24.45
N GLU A 186 4.15 -7.86 -25.35
CA GLU A 186 4.33 -7.35 -26.70
C GLU A 186 4.54 -5.82 -26.77
N ILE A 187 3.92 -5.07 -25.86
CA ILE A 187 4.13 -3.63 -25.78
C ILE A 187 5.58 -3.38 -25.36
N GLU A 188 6.05 -4.17 -24.40
CA GLU A 188 7.42 -3.99 -23.88
C GLU A 188 8.42 -4.31 -24.99
N LYS A 189 8.06 -5.26 -25.86
CA LYS A 189 8.92 -5.63 -26.99
C LYS A 189 8.77 -4.66 -28.15
N GLY A 190 7.74 -3.82 -28.12
CA GLY A 190 7.54 -2.83 -29.16
C GLY A 190 6.94 -3.40 -30.43
N THR A 191 6.37 -4.59 -30.34
CA THR A 191 5.70 -5.19 -31.49
C THR A 191 4.26 -4.70 -31.63
N VAL A 192 3.76 -4.04 -30.58
CA VAL A 192 2.44 -3.42 -30.59
C VAL A 192 2.51 -2.10 -29.82
N GLY A 193 1.63 -1.17 -30.14
CA GLY A 193 1.60 0.10 -29.43
C GLY A 193 0.26 0.42 -28.80
N TRP A 194 0.28 1.16 -27.71
CA TRP A 194 -0.98 1.56 -27.05
C TRP A 194 -1.95 2.36 -27.94
N ASP A 195 -1.41 3.20 -28.84
CA ASP A 195 -2.24 4.01 -29.73
C ASP A 195 -2.50 3.39 -31.12
N GLU A 196 -1.94 2.21 -31.38
CA GLU A 196 -2.21 1.49 -32.62
C GLU A 196 -3.69 1.18 -32.74
N ILE A 197 -4.18 1.23 -33.98
CA ILE A 197 -5.61 1.14 -34.24
C ILE A 197 -6.00 -0.29 -34.58
N LEU A 198 -7.02 -0.75 -33.87
CA LEU A 198 -7.66 -2.03 -34.12
C LEU A 198 -8.96 -1.70 -34.81
N THR A 199 -9.46 -2.64 -35.62
CA THR A 199 -10.67 -2.40 -36.41
C THR A 199 -11.70 -3.51 -36.23
N LEU A 200 -12.90 -3.12 -35.84
CA LEU A 200 -14.03 -4.05 -35.66
C LEU A 200 -14.59 -4.54 -36.99
N THR A 201 -14.59 -5.86 -37.14
CA THR A 201 -15.13 -6.48 -38.34
C THR A 201 -16.24 -7.43 -37.91
N PRO A 202 -17.09 -7.85 -38.86
CA PRO A 202 -18.18 -8.75 -38.51
C PRO A 202 -17.67 -10.01 -37.83
N GLU A 203 -16.56 -10.55 -38.31
CA GLU A 203 -16.01 -11.79 -37.78
C GLU A 203 -15.50 -11.60 -36.36
N LEU A 204 -15.12 -10.38 -36.01
CA LEU A 204 -14.48 -10.14 -34.71
C LEU A 204 -15.50 -9.81 -33.58
N ARG A 205 -16.75 -9.70 -33.96
CA ARG A 205 -17.79 -9.38 -33.01
C ARG A 205 -18.15 -10.61 -32.11
N SER A 206 -18.18 -10.43 -30.78
CA SER A 206 -18.57 -11.51 -29.85
C SER A 206 -19.87 -11.14 -29.08
N LEU A 207 -20.24 -11.91 -28.09
CA LEU A 207 -21.44 -11.63 -27.32
C LEU A 207 -21.07 -10.83 -26.09
N PRO A 208 -22.07 -10.19 -25.41
CA PRO A 208 -21.80 -9.63 -24.06
C PRO A 208 -21.33 -10.73 -23.08
N THR A 209 -20.70 -10.40 -21.93
CA THR A 209 -20.41 -9.07 -21.41
C THR A 209 -19.62 -8.18 -22.36
N GLY A 210 -19.93 -6.89 -22.28
CA GLY A 210 -19.24 -5.85 -23.06
C GLY A 210 -20.21 -4.98 -23.84
N ASP A 211 -19.66 -3.96 -24.49
CA ASP A 211 -20.39 -3.00 -25.33
C ASP A 211 -19.83 -2.82 -26.76
N MET A 212 -18.58 -3.25 -26.98
CA MET A 212 -17.89 -2.99 -28.27
C MET A 212 -18.59 -3.67 -29.44
N GLN A 213 -19.30 -4.78 -29.19
CA GLN A 213 -20.07 -5.43 -30.23
C GLN A 213 -21.16 -4.49 -30.79
N ASP A 214 -21.57 -3.51 -30.00
CA ASP A 214 -22.61 -2.57 -30.46
C ASP A 214 -22.09 -1.44 -31.39
N LEU A 215 -20.78 -1.42 -31.62
CA LEU A 215 -20.17 -0.49 -32.55
C LEU A 215 -20.40 -0.93 -34.01
N PRO A 216 -20.43 0.05 -34.95
CA PRO A 216 -20.48 -0.30 -36.39
C PRO A 216 -19.28 -1.08 -36.91
N ASP A 217 -19.53 -1.88 -37.94
CA ASP A 217 -18.44 -2.55 -38.65
C ASP A 217 -17.48 -1.47 -39.10
N GLY A 218 -16.19 -1.80 -39.06
CA GLY A 218 -15.12 -0.92 -39.45
C GLY A 218 -14.72 0.11 -38.42
N THR A 219 -15.34 0.08 -37.23
CA THR A 219 -15.00 1.06 -36.19
C THR A 219 -13.54 0.91 -35.74
N ARG A 220 -12.84 2.04 -35.69
CA ARG A 220 -11.43 2.11 -35.33
C ARG A 220 -11.26 2.55 -33.88
N VAL A 221 -10.50 1.76 -33.15
CA VAL A 221 -10.31 1.91 -31.70
C VAL A 221 -8.87 1.61 -31.36
N THR A 222 -8.29 2.35 -30.39
CA THR A 222 -6.92 2.09 -29.97
C THR A 222 -6.79 0.81 -29.20
N VAL A 223 -5.58 0.27 -29.21
CA VAL A 223 -5.25 -0.87 -28.35
C VAL A 223 -5.52 -0.49 -26.87
N ARG A 224 -5.09 0.71 -26.48
CA ARG A 224 -5.41 1.19 -25.14
C ARG A 224 -6.89 1.10 -24.73
N GLU A 225 -7.78 1.71 -25.51
CA GLU A 225 -9.19 1.73 -25.13
C GLU A 225 -9.82 0.33 -25.26
N THR A 226 -9.37 -0.45 -26.24
CA THR A 226 -9.82 -1.87 -26.35
C THR A 226 -9.42 -2.68 -25.13
N ALA A 227 -8.16 -2.57 -24.71
CA ALA A 227 -7.68 -3.24 -23.51
C ALA A 227 -8.36 -2.73 -22.24
N HIS A 228 -8.68 -1.42 -22.19
CA HIS A 228 -9.43 -0.87 -21.04
C HIS A 228 -10.80 -1.57 -20.93
N LYS A 229 -11.52 -1.64 -22.05
CA LYS A 229 -12.84 -2.25 -21.97
C LYS A 229 -12.76 -3.77 -21.75
N MET A 230 -11.82 -4.44 -22.44
CA MET A 230 -11.58 -5.86 -22.17
C MET A 230 -11.54 -6.20 -20.67
N ILE A 231 -10.82 -5.41 -19.88
CA ILE A 231 -10.72 -5.65 -18.44
C ILE A 231 -11.90 -5.01 -17.71
N ALA A 232 -12.03 -3.69 -17.80
CA ALA A 232 -12.98 -2.92 -16.98
C ALA A 232 -14.44 -3.32 -17.23
N LEU A 233 -14.82 -3.61 -18.47
CA LEU A 233 -16.20 -4.00 -18.79
C LEU A 233 -16.33 -5.49 -19.05
N SER A 234 -15.27 -6.23 -18.76
CA SER A 234 -15.10 -7.60 -19.28
C SER A 234 -15.56 -7.69 -20.73
N ASP A 235 -15.07 -6.81 -21.60
CA ASP A 235 -15.63 -6.77 -22.92
C ASP A 235 -15.10 -7.95 -23.70
N ASN A 236 -16.01 -8.84 -24.10
CA ASN A 236 -15.61 -10.06 -24.85
C ASN A 236 -15.11 -9.74 -26.26
N THR A 237 -15.78 -8.79 -26.92
CA THR A 237 -15.36 -8.30 -28.23
C THR A 237 -14.01 -7.56 -28.15
N GLY A 238 -13.84 -6.73 -27.11
CA GLY A 238 -12.56 -6.12 -26.84
C GLY A 238 -11.44 -7.16 -26.65
N ALA A 239 -11.72 -8.23 -25.87
CA ALA A 239 -10.77 -9.34 -25.65
C ALA A 239 -10.42 -10.01 -26.98
N ASP A 240 -11.43 -10.23 -27.83
CA ASP A 240 -11.23 -10.97 -29.07
C ASP A 240 -10.44 -10.12 -30.06
N LEU A 241 -10.66 -8.80 -30.00
CA LEU A 241 -9.85 -7.87 -30.80
C LEU A 241 -8.38 -7.94 -30.43
N VAL A 242 -8.08 -7.86 -29.13
CA VAL A 242 -6.69 -8.04 -28.64
C VAL A 242 -6.11 -9.41 -29.01
N ALA A 243 -6.89 -10.49 -28.82
CA ALA A 243 -6.36 -11.85 -29.09
C ALA A 243 -6.04 -12.00 -30.58
N ASP A 244 -6.87 -11.38 -31.43
CA ASP A 244 -6.68 -11.41 -32.88
C ASP A 244 -5.41 -10.66 -33.27
N ARG A 245 -5.17 -9.52 -32.63
CA ARG A 245 -4.03 -8.69 -32.94
C ARG A 245 -2.74 -9.37 -32.48
N LEU A 246 -2.79 -10.02 -31.33
CA LEU A 246 -1.58 -10.65 -30.80
C LEU A 246 -1.30 -11.95 -31.53
N GLY A 247 -2.36 -12.67 -31.89
CA GLY A 247 -2.23 -14.01 -32.44
C GLY A 247 -2.25 -15.04 -31.32
N ARG A 248 -2.89 -16.18 -31.59
CA ARG A 248 -3.05 -17.23 -30.58
C ARG A 248 -1.73 -17.74 -30.03
N GLU A 249 -0.74 -17.86 -30.91
CA GLU A 249 0.56 -18.42 -30.51
C GLU A 249 1.23 -17.55 -29.49
N VAL A 250 1.08 -16.24 -29.64
CA VAL A 250 1.64 -15.27 -28.70
C VAL A 250 0.85 -15.27 -27.38
N VAL A 251 -0.49 -15.33 -27.48
CA VAL A 251 -1.30 -15.45 -26.26
C VAL A 251 -0.90 -16.72 -25.49
N GLU A 252 -0.76 -17.83 -26.20
CA GLU A 252 -0.41 -19.11 -25.57
C GLU A 252 0.99 -19.16 -25.01
N ARG A 253 1.94 -18.72 -25.84
CA ARG A 253 3.37 -18.87 -25.54
C ARG A 253 3.77 -18.03 -24.36
N SER A 254 2.77 -17.42 -23.74
CA SER A 254 2.93 -16.61 -22.54
C SER A 254 2.33 -17.16 -21.24
N LEU A 255 1.36 -18.11 -21.31
CA LEU A 255 0.84 -18.88 -20.16
C LEU A 255 1.96 -19.43 -19.26
N ALA A 256 3.01 -19.97 -19.88
CA ALA A 256 4.18 -20.43 -19.10
C ALA A 256 4.86 -19.25 -18.37
N ALA A 257 4.90 -18.05 -18.97
CA ALA A 257 5.71 -17.01 -18.33
C ALA A 257 4.89 -16.33 -17.27
N ALA A 258 3.58 -16.40 -17.46
CA ALA A 258 2.70 -15.51 -16.76
C ALA A 258 1.99 -16.26 -15.60
N GLY A 259 2.54 -17.44 -15.24
CA GLY A 259 2.07 -18.33 -14.13
C GLY A 259 0.93 -19.37 -14.33
N HIS A 260 1.22 -20.54 -14.97
CA HIS A 260 0.18 -21.60 -15.21
C HIS A 260 0.58 -23.09 -14.99
N HIS A 261 -0.09 -23.74 -14.04
CA HIS A 261 0.29 -25.11 -13.63
C HIS A 261 0.27 -26.19 -14.73
N ASP A 262 -0.56 -25.99 -15.77
CA ASP A 262 -0.66 -26.93 -16.89
C ASP A 262 -1.23 -26.23 -18.13
N PRO A 263 -0.34 -25.53 -18.89
CA PRO A 263 -0.78 -24.73 -20.02
C PRO A 263 -1.55 -25.49 -21.09
N SER A 264 -1.35 -26.82 -21.17
CA SER A 264 -2.12 -27.67 -22.08
C SER A 264 -3.64 -27.58 -21.87
N LEU A 265 -4.08 -27.21 -20.66
CA LEU A 265 -5.52 -26.99 -20.40
C LEU A 265 -6.12 -25.85 -21.22
N MET A 266 -5.27 -24.88 -21.58
CA MET A 266 -5.69 -23.75 -22.43
C MET A 266 -4.91 -23.73 -23.75
N ARG A 267 -4.76 -24.88 -24.40
CA ARG A 267 -4.17 -24.84 -25.73
C ARG A 267 -4.92 -25.83 -26.61
N PRO A 268 -5.69 -25.33 -27.59
CA PRO A 268 -5.76 -23.92 -28.01
C PRO A 268 -6.48 -22.99 -27.03
N PHE A 269 -5.87 -21.82 -26.87
CA PHE A 269 -6.36 -20.78 -25.99
C PHE A 269 -7.50 -20.11 -26.71
N LEU A 270 -8.71 -20.44 -26.26
CA LEU A 270 -9.95 -20.10 -26.98
C LEU A 270 -10.26 -18.59 -26.88
N THR A 271 -10.90 -18.05 -27.92
CA THR A 271 -11.49 -16.70 -27.83
C THR A 271 -12.88 -16.81 -27.18
N SER A 272 -13.53 -15.67 -26.90
CA SER A 272 -14.83 -15.75 -26.29
C SER A 272 -15.82 -16.17 -27.37
N HIS A 273 -15.64 -15.62 -28.57
CA HIS A 273 -16.40 -15.95 -29.80
C HIS A 273 -16.39 -17.47 -30.00
N GLU A 274 -15.21 -18.07 -29.84
CA GLU A 274 -15.03 -19.52 -29.97
C GLU A 274 -15.71 -20.34 -28.87
N VAL A 275 -15.58 -19.91 -27.61
CA VAL A 275 -16.33 -20.56 -26.53
C VAL A 275 -17.85 -20.53 -26.84
N PHE A 276 -18.35 -19.39 -27.28
CA PHE A 276 -19.77 -19.21 -27.49
C PHE A 276 -20.25 -20.06 -28.65
N GLU A 277 -19.50 -19.97 -29.75
CA GLU A 277 -19.90 -20.61 -31.02
C GLU A 277 -19.80 -22.15 -30.92
N LEU A 278 -18.67 -22.63 -30.45
CA LEU A 278 -18.52 -24.05 -30.16
C LEU A 278 -19.43 -24.54 -29.02
N GLY A 279 -19.48 -23.80 -27.90
CA GLY A 279 -20.19 -24.32 -26.72
C GLY A 279 -21.69 -24.46 -26.96
N TRP A 280 -22.26 -23.55 -27.75
CA TRP A 280 -23.73 -23.51 -27.93
C TRP A 280 -24.24 -23.59 -29.36
N GLY A 281 -23.33 -23.83 -30.30
CA GLY A 281 -23.73 -24.01 -31.70
C GLY A 281 -23.94 -25.47 -32.03
N ASP A 282 -23.71 -25.80 -33.31
CA ASP A 282 -23.75 -27.14 -33.90
C ASP A 282 -23.26 -28.23 -32.95
N PRO A 283 -24.17 -29.12 -32.49
CA PRO A 283 -23.77 -30.18 -31.55
C PRO A 283 -22.75 -31.21 -32.09
N GLU A 284 -22.79 -31.49 -33.40
CA GLU A 284 -21.82 -32.37 -34.05
C GLU A 284 -20.42 -31.78 -33.99
N ARG A 285 -20.32 -30.48 -34.27
CA ARG A 285 -19.01 -29.77 -34.19
C ARG A 285 -18.49 -29.83 -32.75
N ARG A 286 -19.40 -29.71 -31.79
CA ARG A 286 -19.02 -29.87 -30.41
C ARG A 286 -18.60 -31.29 -30.08
N ALA A 287 -19.26 -32.33 -30.64
CA ALA A 287 -18.77 -33.69 -30.40
C ALA A 287 -17.40 -33.91 -31.03
N GLU A 288 -17.14 -33.25 -32.15
CA GLU A 288 -15.82 -33.34 -32.78
C GLU A 288 -14.66 -32.81 -31.89
N TRP A 289 -14.82 -31.61 -31.32
CA TRP A 289 -13.92 -31.11 -30.27
C TRP A 289 -13.57 -32.16 -29.22
N VAL A 290 -14.62 -32.71 -28.60
CA VAL A 290 -14.46 -33.62 -27.49
C VAL A 290 -13.58 -34.79 -27.93
N ARG A 291 -13.81 -35.25 -29.16
CA ARG A 291 -13.08 -36.42 -29.72
C ARG A 291 -11.65 -36.14 -30.14
N GLN A 292 -11.32 -34.87 -30.36
CA GLN A 292 -10.09 -34.50 -31.05
C GLN A 292 -8.94 -34.18 -30.14
N ASP A 293 -7.75 -34.34 -30.71
CA ASP A 293 -6.51 -34.00 -30.04
C ASP A 293 -6.20 -32.51 -30.34
N GLU A 294 -5.07 -32.03 -29.83
CA GLU A 294 -4.76 -30.61 -30.00
C GLU A 294 -4.71 -30.19 -31.46
N ALA A 295 -4.08 -30.99 -32.31
CA ALA A 295 -4.09 -30.72 -33.77
C ALA A 295 -5.53 -30.64 -34.37
N GLY A 296 -6.35 -31.66 -34.12
CA GLY A 296 -7.72 -31.65 -34.61
C GLY A 296 -8.56 -30.48 -34.08
N ARG A 297 -8.27 -30.06 -32.86
CA ARG A 297 -9.01 -28.91 -32.27
C ARG A 297 -8.59 -27.59 -32.93
N ARG A 298 -7.27 -27.40 -33.15
CA ARG A 298 -6.79 -26.20 -33.87
C ARG A 298 -7.42 -26.14 -35.26
N GLU A 299 -7.50 -27.29 -35.91
CA GLU A 299 -8.07 -27.40 -37.24
C GLU A 299 -9.56 -27.09 -37.26
N LEU A 300 -10.27 -27.60 -36.26
CA LEU A 300 -11.69 -27.35 -36.07
C LEU A 300 -11.96 -25.86 -35.89
N LEU A 301 -11.15 -25.20 -35.06
CA LEU A 301 -11.33 -23.77 -34.81
C LEU A 301 -11.09 -22.90 -36.07
N GLU A 302 -10.09 -23.28 -36.86
CA GLU A 302 -9.77 -22.55 -38.09
C GLU A 302 -10.96 -22.62 -39.04
N LYS A 303 -11.54 -23.81 -39.17
CA LYS A 303 -12.78 -24.04 -39.95
C LYS A 303 -13.99 -23.27 -39.45
N MET A 304 -14.12 -23.15 -38.13
CA MET A 304 -15.24 -22.43 -37.52
C MET A 304 -15.20 -20.89 -37.68
N ALA A 305 -14.01 -20.37 -38.02
CA ALA A 305 -13.76 -18.94 -38.13
C ALA A 305 -14.77 -18.28 -39.05
N GLY A 306 -15.37 -17.18 -38.61
CA GLY A 306 -16.40 -16.51 -39.41
C GLY A 306 -17.26 -15.65 -38.51
N VAL A 307 -18.44 -15.26 -38.98
CA VAL A 307 -19.36 -14.45 -38.15
C VAL A 307 -20.12 -15.43 -37.26
N MET A 308 -20.29 -15.09 -35.99
CA MET A 308 -21.12 -15.89 -35.06
C MET A 308 -22.52 -16.24 -35.57
N THR A 309 -23.03 -17.42 -35.19
CA THR A 309 -24.41 -17.78 -35.49
C THR A 309 -25.16 -17.87 -34.16
N VAL A 310 -24.41 -18.18 -33.10
CA VAL A 310 -24.93 -18.30 -31.74
C VAL A 310 -25.32 -16.92 -31.21
N ARG A 311 -26.42 -16.88 -30.47
CA ARG A 311 -26.96 -15.68 -29.85
C ARG A 311 -27.02 -15.94 -28.36
N GLY A 312 -27.18 -14.88 -27.57
CA GLY A 312 -27.21 -15.01 -26.11
C GLY A 312 -28.33 -15.95 -25.67
N SER A 313 -29.40 -15.99 -26.46
CA SER A 313 -30.57 -16.88 -26.19
C SER A 313 -30.29 -18.40 -26.25
N ASP A 314 -29.25 -18.78 -26.98
CA ASP A 314 -28.82 -20.19 -27.11
C ASP A 314 -28.07 -20.71 -25.89
N LEU A 315 -27.49 -19.82 -25.09
CA LEU A 315 -26.68 -20.27 -23.98
C LEU A 315 -27.54 -20.88 -22.89
N GLY A 316 -27.06 -21.94 -22.28
CA GLY A 316 -27.75 -22.48 -21.11
C GLY A 316 -27.11 -23.72 -20.51
N ALA A 317 -27.02 -24.78 -21.33
CA ALA A 317 -26.37 -26.01 -20.93
C ALA A 317 -24.90 -25.75 -20.58
N THR A 318 -24.36 -26.49 -19.64
CA THR A 318 -22.96 -26.30 -19.27
C THR A 318 -22.05 -27.05 -20.25
N VAL A 319 -20.95 -26.42 -20.63
CA VAL A 319 -19.93 -27.05 -21.54
C VAL A 319 -18.49 -26.96 -21.00
N HIS A 320 -18.31 -26.35 -19.83
CA HIS A 320 -16.96 -26.23 -19.27
C HIS A 320 -16.30 -27.60 -18.99
N GLN A 321 -17.14 -28.60 -18.72
CA GLN A 321 -16.65 -29.93 -18.40
C GLN A 321 -16.03 -30.60 -19.65
N LEU A 322 -16.31 -30.04 -20.82
CA LEU A 322 -15.71 -30.43 -22.09
C LEU A 322 -14.38 -29.69 -22.43
N GLY A 323 -13.91 -28.83 -21.54
CA GLY A 323 -12.81 -27.95 -21.94
C GLY A 323 -13.14 -26.63 -22.63
N ILE A 324 -14.40 -26.35 -22.83
CA ILE A 324 -14.83 -25.17 -23.58
C ILE A 324 -15.06 -24.06 -22.56
N ASP A 325 -13.93 -23.56 -22.07
CA ASP A 325 -13.84 -22.52 -21.03
C ASP A 325 -12.32 -22.32 -20.85
N TRP A 326 -11.91 -21.68 -19.76
CA TRP A 326 -10.51 -21.46 -19.47
C TRP A 326 -10.22 -21.94 -18.04
N HIS A 327 -9.45 -23.04 -17.94
CA HIS A 327 -9.27 -23.76 -16.68
C HIS A 327 -7.95 -23.41 -16.03
N MET A 328 -8.01 -23.11 -14.74
CA MET A 328 -6.82 -22.79 -13.96
C MET A 328 -7.03 -23.11 -12.48
N ASP A 329 -5.94 -23.23 -11.73
CA ASP A 329 -6.03 -23.48 -10.32
C ASP A 329 -5.93 -22.13 -9.57
N ALA A 330 -6.15 -22.10 -8.26
CA ALA A 330 -6.20 -20.81 -7.54
C ALA A 330 -4.83 -20.15 -7.53
N PHE A 331 -3.78 -20.99 -7.45
CA PHE A 331 -2.38 -20.54 -7.52
C PHE A 331 -2.04 -19.78 -8.81
N ASP A 332 -2.56 -20.27 -9.95
CA ASP A 332 -2.41 -19.61 -11.24
C ASP A 332 -3.00 -18.21 -11.21
N VAL A 333 -4.14 -18.08 -10.53
CA VAL A 333 -4.81 -16.75 -10.53
C VAL A 333 -3.94 -15.77 -9.71
N VAL A 334 -3.46 -16.23 -8.56
CA VAL A 334 -2.49 -15.42 -7.75
C VAL A 334 -1.23 -15.02 -8.56
N ARG A 335 -0.66 -15.97 -9.30
CA ARG A 335 0.49 -15.70 -10.14
C ARG A 335 0.23 -14.62 -11.22
N VAL A 336 -0.92 -14.67 -11.90
CA VAL A 336 -1.12 -13.76 -12.99
C VAL A 336 -1.41 -12.36 -12.41
N LEU A 337 -2.07 -12.32 -11.26
CA LEU A 337 -2.34 -11.04 -10.63
C LEU A 337 -1.03 -10.42 -10.12
N GLU A 338 -0.20 -11.25 -9.50
CA GLU A 338 1.12 -10.79 -9.04
C GLU A 338 2.01 -10.30 -10.20
N GLY A 339 1.98 -11.01 -11.31
CA GLY A 339 2.70 -10.64 -12.53
C GLY A 339 2.18 -9.32 -13.11
N LEU A 340 0.86 -9.14 -13.12
CA LEU A 340 0.26 -7.86 -13.50
C LEU A 340 0.71 -6.69 -12.59
N LEU A 341 0.76 -6.94 -11.28
CA LEU A 341 1.28 -5.94 -10.33
C LEU A 341 2.67 -5.48 -10.75
N GLN A 342 3.50 -6.44 -11.15
CA GLN A 342 4.89 -6.17 -11.51
C GLN A 342 4.95 -5.44 -12.86
N ASP A 343 4.13 -5.93 -13.80
CA ASP A 343 4.06 -5.32 -15.12
C ASP A 343 3.63 -3.89 -14.97
N SER A 344 2.66 -3.64 -14.07
CA SER A 344 2.15 -2.30 -13.88
C SER A 344 3.22 -1.36 -13.34
N GLY A 345 4.00 -1.86 -12.41
CA GLY A 345 5.06 -1.09 -11.78
C GLY A 345 6.18 -0.72 -12.74
N ARG A 346 6.48 -1.62 -13.68
CA ARG A 346 7.44 -1.35 -14.77
C ARG A 346 6.95 -0.34 -15.81
N ASP A 347 5.65 -0.18 -15.96
CA ASP A 347 5.06 0.77 -16.92
C ASP A 347 4.97 2.17 -16.33
N THR A 348 6.02 2.96 -16.57
CA THR A 348 6.14 4.34 -16.08
C THR A 348 5.01 5.28 -16.58
N SER A 349 4.37 4.93 -17.69
CA SER A 349 3.26 5.73 -18.22
C SER A 349 1.94 5.62 -17.43
N GLY A 350 1.81 4.59 -16.59
CA GLY A 350 0.57 4.42 -15.84
C GLY A 350 -0.60 3.87 -16.65
N THR A 351 -0.34 3.43 -17.87
CA THR A 351 -1.41 2.95 -18.77
C THR A 351 -1.98 1.61 -18.26
N VAL A 352 -1.10 0.70 -17.86
CA VAL A 352 -1.52 -0.62 -17.34
C VAL A 352 -2.31 -0.41 -16.04
N GLU A 353 -1.77 0.44 -15.15
CA GLU A 353 -2.41 0.70 -13.85
C GLU A 353 -3.81 1.26 -14.02
N GLU A 354 -3.98 2.19 -14.96
CA GLU A 354 -5.28 2.79 -15.13
C GLU A 354 -6.30 1.73 -15.59
N ILE A 355 -5.88 0.87 -16.52
CA ILE A 355 -6.76 -0.21 -17.00
C ILE A 355 -7.13 -1.15 -15.85
N LEU A 356 -6.12 -1.60 -15.10
CA LEU A 356 -6.35 -2.58 -14.00
C LEU A 356 -7.23 -2.07 -12.86
N THR A 357 -7.20 -0.76 -12.59
CA THR A 357 -7.84 -0.19 -11.39
C THR A 357 -9.17 0.50 -11.69
N ALA A 358 -9.54 0.57 -12.96
CA ALA A 358 -10.76 1.31 -13.34
C ALA A 358 -12.03 0.76 -12.67
N TYR A 359 -12.08 -0.55 -12.48
CA TYR A 359 -13.32 -1.20 -12.03
C TYR A 359 -12.94 -2.21 -10.97
N PRO A 360 -13.11 -1.83 -9.68
CA PRO A 360 -12.71 -2.74 -8.62
C PRO A 360 -13.77 -3.76 -8.20
N GLY A 361 -14.95 -3.74 -8.85
CA GLY A 361 -16.00 -4.74 -8.60
C GLY A 361 -16.82 -4.54 -7.34
N LEU A 362 -16.42 -3.57 -6.52
CA LEU A 362 -17.01 -3.30 -5.20
C LEU A 362 -16.77 -1.84 -4.92
N LEU A 363 -17.52 -1.30 -3.95
CA LEU A 363 -17.18 0.00 -3.36
C LEU A 363 -16.00 -0.32 -2.45
N ILE A 364 -14.86 0.34 -2.71
CA ILE A 364 -13.64 0.06 -1.93
C ILE A 364 -13.36 1.18 -0.92
N ASP A 365 -12.89 0.76 0.26
CA ASP A 365 -12.31 1.72 1.24
C ASP A 365 -10.93 2.26 0.81
N GLU A 366 -10.92 3.40 0.14
CA GLU A 366 -9.68 3.90 -0.49
C GLU A 366 -8.65 4.44 0.50
N GLU A 367 -9.10 4.73 1.70
CA GLU A 367 -8.17 5.13 2.77
C GLU A 367 -7.38 3.91 3.29
N ARG A 368 -7.94 2.70 3.14
CA ARG A 368 -7.26 1.47 3.54
C ARG A 368 -6.45 0.92 2.38
N TRP A 369 -7.07 0.87 1.22
CA TRP A 369 -6.43 0.23 0.02
C TRP A 369 -5.99 1.23 -1.05
N ARG A 370 -4.68 1.22 -1.32
CA ARG A 370 -4.06 2.12 -2.32
C ARG A 370 -4.44 1.68 -3.70
N ARG A 371 -4.45 0.37 -3.92
CA ARG A 371 -4.86 -0.13 -5.22
C ARG A 371 -5.56 -1.48 -5.12
N VAL A 372 -6.45 -1.71 -6.09
CA VAL A 372 -7.25 -2.90 -6.06
C VAL A 372 -7.38 -3.27 -7.53
N TYR A 373 -7.02 -4.52 -7.83
CA TYR A 373 -7.30 -5.05 -9.14
C TYR A 373 -8.44 -6.04 -8.93
N PHE A 374 -9.26 -6.21 -9.96
CA PHE A 374 -10.39 -7.09 -9.83
C PHE A 374 -10.59 -7.76 -11.18
N LYS A 375 -11.11 -8.99 -11.16
CA LYS A 375 -11.66 -9.58 -12.40
C LYS A 375 -12.65 -10.65 -12.05
N ALA A 376 -13.74 -10.71 -12.81
CA ALA A 376 -14.76 -11.77 -12.68
C ALA A 376 -14.75 -12.67 -13.92
N GLY A 377 -15.29 -13.87 -13.80
CA GLY A 377 -15.59 -14.68 -14.96
C GLY A 377 -16.88 -15.36 -14.71
N SER A 378 -17.66 -15.52 -15.76
CA SER A 378 -18.87 -16.34 -15.63
C SER A 378 -19.25 -16.97 -16.95
N SER A 379 -19.81 -18.16 -16.85
CA SER A 379 -20.24 -18.98 -18.00
CA SER A 379 -20.28 -18.91 -18.01
C SER A 379 -21.33 -19.86 -17.44
N PRO A 380 -22.20 -20.46 -18.31
CA PRO A 380 -23.09 -21.41 -17.64
C PRO A 380 -22.40 -22.45 -16.73
N GLY A 381 -22.83 -22.56 -15.47
CA GLY A 381 -22.14 -23.47 -14.54
C GLY A 381 -20.81 -22.97 -14.01
N VAL A 382 -20.47 -21.68 -14.17
CA VAL A 382 -19.13 -21.15 -13.79
C VAL A 382 -19.29 -19.76 -13.21
N MET A 383 -18.68 -19.55 -12.05
CA MET A 383 -18.59 -18.21 -11.45
C MET A 383 -17.25 -18.06 -10.73
N MET A 384 -16.61 -16.90 -10.94
CA MET A 384 -15.41 -16.60 -10.17
C MET A 384 -15.20 -15.12 -10.00
N PHE A 385 -14.55 -14.75 -8.88
CA PHE A 385 -14.16 -13.36 -8.62
C PHE A 385 -12.77 -13.40 -8.01
N CYS A 386 -11.90 -12.47 -8.41
CA CYS A 386 -10.60 -12.42 -7.75
C CYS A 386 -10.29 -10.94 -7.56
N TRP A 387 -9.58 -10.64 -6.46
CA TRP A 387 -9.08 -9.29 -6.18
C TRP A 387 -7.61 -9.33 -5.76
N LEU A 388 -6.89 -8.27 -6.11
CA LEU A 388 -5.60 -8.01 -5.44
C LEU A 388 -5.81 -6.66 -4.78
N LEU A 389 -5.53 -6.61 -3.48
CA LEU A 389 -5.72 -5.39 -2.70
C LEU A 389 -4.39 -5.08 -2.04
N GLN A 390 -3.90 -3.85 -2.26
CA GLN A 390 -2.62 -3.41 -1.68
C GLN A 390 -2.84 -2.15 -0.87
N ASP A 391 -2.34 -2.19 0.35
CA ASP A 391 -2.55 -1.10 1.26
C ASP A 391 -1.52 -0.01 0.99
N HIS A 392 -1.58 1.07 1.76
CA HIS A 392 -0.70 2.21 1.51
C HIS A 392 0.74 2.02 2.00
N ALA A 393 0.97 1.03 2.84
CA ALA A 393 2.32 0.58 3.18
C ALA A 393 2.88 -0.34 2.12
N GLY A 394 2.03 -0.79 1.19
CA GLY A 394 2.49 -1.66 0.14
C GLY A 394 2.28 -3.15 0.38
N ILE A 395 1.48 -3.49 1.40
CA ILE A 395 1.19 -4.92 1.70
C ILE A 395 0.05 -5.40 0.78
N SER A 396 0.30 -6.47 0.01
CA SER A 396 -0.68 -7.00 -0.97
C SER A 396 -1.35 -8.31 -0.49
N TYR A 397 -2.67 -8.40 -0.73
CA TYR A 397 -3.46 -9.62 -0.46
C TYR A 397 -4.11 -10.00 -1.78
N VAL A 398 -4.24 -11.29 -2.02
CA VAL A 398 -5.04 -11.77 -3.17
C VAL A 398 -6.13 -12.69 -2.64
N LEU A 399 -7.32 -12.57 -3.20
CA LEU A 399 -8.45 -13.42 -2.85
C LEU A 399 -9.00 -14.01 -4.13
N VAL A 400 -9.23 -15.32 -4.15
CA VAL A 400 -9.70 -16.01 -5.36
C VAL A 400 -10.88 -16.87 -4.94
N LEU A 401 -12.06 -16.61 -5.50
CA LEU A 401 -13.29 -17.34 -5.19
C LEU A 401 -13.77 -17.97 -6.49
N ARG A 402 -14.09 -19.26 -6.44
CA ARG A 402 -14.53 -19.97 -7.63
C ARG A 402 -15.68 -20.95 -7.36
N GLN A 403 -16.62 -21.08 -8.30
CA GLN A 403 -17.69 -22.08 -8.23
C GLN A 403 -17.82 -22.71 -9.61
N SER A 404 -18.05 -24.03 -9.69
CA SER A 404 -18.43 -24.68 -10.95
C SER A 404 -19.56 -25.68 -10.60
N ALA A 405 -20.48 -25.90 -11.53
CA ALA A 405 -21.54 -26.91 -11.35
C ALA A 405 -22.00 -27.42 -12.69
N ASP A 406 -22.68 -28.56 -12.67
CA ASP A 406 -23.26 -29.10 -13.86
C ASP A 406 -24.57 -28.42 -14.27
N GLU A 407 -25.15 -27.64 -13.35
CA GLU A 407 -26.37 -26.89 -13.64
C GLU A 407 -26.19 -25.42 -13.27
N GLN A 408 -26.48 -24.52 -14.21
CA GLN A 408 -26.37 -23.08 -13.95
C GLN A 408 -27.25 -22.60 -12.76
N ARG A 409 -28.43 -23.22 -12.56
CA ARG A 409 -29.33 -22.77 -11.44
C ARG A 409 -28.73 -22.96 -10.04
N LEU A 410 -27.75 -23.86 -9.92
CA LEU A 410 -27.08 -24.01 -8.64
C LEU A 410 -26.12 -22.87 -8.33
N ILE A 411 -25.74 -22.13 -9.39
CA ILE A 411 -24.82 -21.02 -9.23
C ILE A 411 -25.57 -19.67 -9.24
N GLY A 412 -26.47 -19.44 -10.17
CA GLY A 412 -27.13 -18.13 -10.11
C GLY A 412 -26.32 -16.98 -10.68
N ASP A 413 -26.77 -15.74 -10.42
CA ASP A 413 -26.26 -14.60 -11.20
C ASP A 413 -24.93 -14.04 -10.69
N GLY A 414 -24.36 -14.65 -9.66
CA GLY A 414 -23.04 -14.27 -9.18
C GLY A 414 -23.03 -13.21 -8.10
N LEU A 415 -24.20 -12.67 -7.74
CA LEU A 415 -24.18 -11.76 -6.60
C LEU A 415 -23.73 -12.46 -5.30
N PHE A 416 -24.13 -13.71 -5.14
CA PHE A 416 -23.72 -14.48 -3.97
C PHE A 416 -22.19 -14.50 -3.79
N LEU A 417 -21.47 -15.02 -4.81
CA LEU A 417 -20.01 -15.18 -4.69
C LEU A 417 -19.35 -13.80 -4.54
N ARG A 418 -19.86 -12.80 -5.29
CA ARG A 418 -19.27 -11.44 -5.18
C ARG A 418 -19.50 -10.94 -3.76
N GLY A 419 -20.72 -11.11 -3.26
CA GLY A 419 -21.07 -10.63 -1.90
C GLY A 419 -20.31 -11.27 -0.77
N ILE A 420 -20.00 -12.55 -0.93
CA ILE A 420 -19.06 -13.22 -0.05
C ILE A 420 -17.67 -12.49 -0.04
N GLY A 421 -17.09 -12.21 -1.23
CA GLY A 421 -15.85 -11.41 -1.33
C GLY A 421 -16.01 -10.08 -0.61
N ALA A 422 -17.12 -9.41 -0.89
CA ALA A 422 -17.44 -8.14 -0.27
C ALA A 422 -17.40 -8.22 1.25
N LYS A 423 -17.91 -9.31 1.82
CA LYS A 423 -17.92 -9.45 3.28
C LYS A 423 -16.54 -9.78 3.79
N ILE A 424 -15.79 -10.56 3.02
CA ILE A 424 -14.41 -10.84 3.42
C ILE A 424 -13.62 -9.51 3.48
N ILE A 425 -13.80 -8.70 2.45
CA ILE A 425 -12.99 -7.47 2.28
C ILE A 425 -13.44 -6.49 3.36
N GLU A 426 -14.74 -6.36 3.53
CA GLU A 426 -15.27 -5.62 4.73
C GLU A 426 -14.61 -6.06 6.05
N ALA A 427 -14.49 -7.37 6.27
CA ALA A 427 -13.87 -7.90 7.50
C ALA A 427 -12.37 -8.14 7.35
N GLU A 428 -11.68 -7.29 6.58
CA GLU A 428 -10.28 -7.55 6.25
C GLU A 428 -9.42 -7.64 7.50
N ALA A 429 -9.69 -6.78 8.50
CA ALA A 429 -8.85 -6.78 9.71
C ALA A 429 -8.98 -8.11 10.49
N LYS A 430 -10.10 -8.81 10.31
CA LYS A 430 -10.27 -10.14 10.92
C LYS A 430 -9.69 -11.24 10.06
N LEU A 431 -10.05 -11.23 8.78
CA LEU A 431 -9.75 -12.32 7.88
C LEU A 431 -8.45 -12.23 7.09
N LEU A 432 -7.97 -11.03 6.80
CA LEU A 432 -6.84 -10.87 5.85
C LEU A 432 -5.59 -10.40 6.56
N SER A 433 -5.74 -9.33 7.34
CA SER A 433 -4.60 -8.62 7.88
C SER A 433 -4.41 -8.82 9.40
N SER A 434 -5.03 -9.88 9.95
CA SER A 434 -5.09 -10.07 11.39
C SER A 434 -3.71 -10.38 11.95
N VAL B 8 29.57 -3.91 36.21
CA VAL B 8 30.32 -3.95 37.50
C VAL B 8 30.09 -2.72 38.41
N PRO B 9 29.62 -1.58 37.85
CA PRO B 9 29.30 -0.47 38.75
C PRO B 9 28.02 -0.74 39.54
N THR B 10 28.13 -0.64 40.87
CA THR B 10 26.99 -0.79 41.75
C THR B 10 26.11 0.47 41.67
N PRO B 11 24.85 0.39 42.13
CA PRO B 11 24.02 1.60 42.09
C PRO B 11 24.72 2.89 42.55
N ALA B 12 25.37 2.87 43.71
CA ALA B 12 25.98 4.08 44.28
C ALA B 12 27.17 4.55 43.42
N GLU B 13 27.93 3.59 42.92
CA GLU B 13 29.05 3.87 42.02
C GLU B 13 28.56 4.53 40.73
N ALA B 14 27.52 3.97 40.15
CA ALA B 14 26.96 4.49 38.91
C ALA B 14 26.42 5.93 39.06
N ALA B 15 25.67 6.22 40.12
CA ALA B 15 25.15 7.56 40.32
C ALA B 15 26.33 8.52 40.52
N LEU B 16 27.31 8.10 41.34
CA LEU B 16 28.48 8.97 41.62
C LEU B 16 29.23 9.22 40.32
N ALA B 17 29.43 8.17 39.49
CA ALA B 17 30.11 8.41 38.21
C ALA B 17 29.34 9.40 37.29
N ALA B 18 28.02 9.28 37.28
CA ALA B 18 27.14 10.16 36.48
C ALA B 18 27.18 11.61 36.95
N GLN B 19 27.08 11.81 38.28
CA GLN B 19 27.18 13.16 38.87
C GLN B 19 28.54 13.79 38.54
N THR B 20 29.59 12.98 38.67
CA THR B 20 30.97 13.42 38.40
C THR B 20 31.16 13.79 36.93
N ALA B 21 30.62 12.96 36.05
CA ALA B 21 30.67 13.20 34.60
C ALA B 21 29.87 14.47 34.17
N LEU B 22 28.66 14.60 34.72
CA LEU B 22 27.86 15.81 34.53
C LEU B 22 28.61 17.08 34.91
N ALA B 23 29.21 17.08 36.09
CA ALA B 23 29.90 18.29 36.56
C ALA B 23 31.09 18.61 35.66
N ALA B 24 31.76 17.56 35.17
CA ALA B 24 32.97 17.68 34.34
C ALA B 24 32.76 17.92 32.84
N ASP B 25 31.53 17.75 32.34
CA ASP B 25 31.30 17.78 30.90
C ASP B 25 31.42 19.19 30.30
N ASP B 26 32.56 19.46 29.68
CA ASP B 26 32.85 20.80 29.12
C ASP B 26 32.43 20.84 27.66
N SER B 27 31.12 20.96 27.42
CA SER B 27 30.58 20.95 26.08
C SER B 27 29.23 21.68 26.11
N PRO B 28 28.67 21.99 24.94
CA PRO B 28 27.30 22.58 24.90
C PRO B 28 26.24 21.73 25.65
N MET B 29 26.31 20.40 25.48
CA MET B 29 25.42 19.49 26.26
C MET B 29 25.60 19.57 27.79
N GLY B 30 26.85 19.44 28.27
CA GLY B 30 27.17 19.65 29.68
C GLY B 30 26.63 20.95 30.23
N ASP B 31 26.84 22.04 29.49
CA ASP B 31 26.35 23.37 29.85
C ASP B 31 24.86 23.43 30.03
N ALA B 32 24.16 22.89 29.03
CA ALA B 32 22.72 22.87 28.99
C ALA B 32 22.13 21.97 30.09
N ALA B 33 22.66 20.74 30.18
CA ALA B 33 22.28 19.81 31.22
C ALA B 33 22.47 20.44 32.61
N ARG B 34 23.64 21.05 32.86
CA ARG B 34 23.85 21.71 34.16
C ARG B 34 22.91 22.86 34.40
N TRP B 35 22.62 23.64 33.36
CA TRP B 35 21.69 24.78 33.54
C TRP B 35 20.28 24.28 33.88
N ALA B 36 19.82 23.29 33.13
CA ALA B 36 18.50 22.72 33.36
C ALA B 36 18.43 22.07 34.78
N MET B 37 19.48 21.38 35.22
CA MET B 37 19.43 20.79 36.55
C MET B 37 19.34 21.89 37.61
N GLY B 38 20.03 23.01 37.37
CA GLY B 38 19.97 24.17 38.25
C GLY B 38 18.56 24.72 38.34
N LEU B 39 17.90 24.81 37.19
CA LEU B 39 16.49 25.22 37.11
C LEU B 39 15.60 24.36 38.01
N LEU B 40 15.85 23.05 37.98
CA LEU B 40 15.00 22.06 38.66
C LEU B 40 15.27 22.01 40.16
N THR B 41 16.48 22.36 40.57
CA THR B 41 16.88 22.16 41.94
C THR B 41 17.09 23.40 42.79
N SER B 42 17.27 24.58 42.19
CA SER B 42 17.61 25.77 42.95
C SER B 42 16.42 26.19 43.83
N SER B 43 16.68 26.85 44.96
CA SER B 43 15.59 27.29 45.84
C SER B 43 14.92 28.57 45.34
N GLY B 44 15.50 29.15 44.30
CA GLY B 44 14.84 30.25 43.61
C GLY B 44 14.53 29.96 42.15
N LEU B 45 14.08 31.00 41.47
CA LEU B 45 13.86 30.94 40.04
C LEU B 45 14.64 32.05 39.34
N PRO B 46 15.08 31.77 38.10
CA PRO B 46 15.85 32.75 37.35
C PRO B 46 14.94 33.87 36.89
N ARG B 47 15.51 35.07 36.75
CA ARG B 47 14.79 36.15 36.09
C ARG B 47 14.37 35.66 34.68
N PRO B 48 13.18 36.06 34.20
CA PRO B 48 12.65 35.69 32.86
C PRO B 48 13.58 35.80 31.62
N GLU B 49 14.42 36.84 31.55
CA GLU B 49 15.31 37.05 30.38
C GLU B 49 16.44 36.02 30.32
N ASP B 50 16.87 35.58 31.51
CA ASP B 50 17.92 34.59 31.65
C ASP B 50 17.44 33.23 31.20
N VAL B 51 16.14 33.02 31.32
CA VAL B 51 15.53 31.78 30.84
C VAL B 51 15.51 31.80 29.30
N ALA B 52 14.84 32.78 28.69
CA ALA B 52 14.79 32.87 27.23
C ALA B 52 16.13 32.78 26.48
N ALA B 53 17.21 33.39 27.03
CA ALA B 53 18.55 33.32 26.44
C ALA B 53 19.08 31.88 26.24
N ARG B 54 18.59 30.92 27.03
CA ARG B 54 19.11 29.53 26.98
C ARG B 54 18.45 28.72 25.84
N PHE B 55 17.37 29.25 25.28
CA PHE B 55 16.59 28.49 24.30
C PHE B 55 16.64 29.09 22.91
N ILE B 56 16.26 28.30 21.91
CA ILE B 56 16.17 28.79 20.55
C ILE B 56 15.22 29.97 20.52
N PRO B 57 15.40 30.89 19.57
CA PRO B 57 14.49 32.06 19.53
C PRO B 57 13.02 31.73 19.31
N THR B 58 12.72 30.65 18.59
CA THR B 58 11.34 30.22 18.35
C THR B 58 10.88 29.06 19.27
N PHE B 59 11.37 29.07 20.52
CA PHE B 59 11.18 27.95 21.44
C PHE B 59 9.71 27.52 21.52
N ASN B 64 3.61 29.81 28.87
CA ASN B 64 3.39 28.47 29.43
C ASN B 64 4.62 27.87 30.09
N PHE B 65 5.81 28.29 29.66
CA PHE B 65 7.02 27.65 30.15
C PHE B 65 7.23 27.91 31.65
N ALA B 66 6.80 29.07 32.16
CA ALA B 66 6.87 29.34 33.60
C ALA B 66 6.06 28.30 34.40
N GLU B 67 4.85 28.00 33.93
CA GLU B 67 4.01 26.99 34.56
C GLU B 67 4.66 25.62 34.41
N THR B 68 5.17 25.32 33.23
CA THR B 68 5.91 24.07 32.98
C THR B 68 7.00 23.83 34.00
N VAL B 69 7.82 24.85 34.19
CA VAL B 69 8.93 24.82 35.16
C VAL B 69 8.44 24.66 36.64
N ARG B 70 7.41 25.42 37.04
CA ARG B 70 6.81 25.24 38.38
C ARG B 70 6.39 23.77 38.65
N GLU B 71 5.67 23.20 37.70
CA GLU B 71 5.21 21.79 37.76
C GLU B 71 6.38 20.79 37.88
N TRP B 72 7.39 20.99 37.04
CA TRP B 72 8.58 20.16 37.10
C TRP B 72 9.23 20.26 38.48
N ARG B 73 9.40 21.49 38.96
CA ARG B 73 10.04 21.67 40.29
C ARG B 73 9.22 20.99 41.44
N SER B 74 7.91 20.95 41.32
CA SER B 74 7.05 20.40 42.38
C SER B 74 7.27 18.87 42.56
N LYS B 75 7.93 18.24 41.59
CA LYS B 75 8.13 16.80 41.62
C LYS B 75 9.42 16.39 42.29
N GLY B 76 10.30 17.36 42.53
CA GLY B 76 11.54 17.05 43.22
C GLY B 76 11.40 16.96 44.74
N PRO B 77 12.53 16.93 45.48
CA PRO B 77 13.93 17.15 45.07
C PRO B 77 14.44 16.03 44.17
N PHE B 78 15.38 16.33 43.29
CA PHE B 78 15.93 15.32 42.34
C PHE B 78 17.38 14.95 42.63
N THR B 79 17.74 13.70 42.39
CA THR B 79 19.12 13.25 42.47
C THR B 79 19.46 12.64 41.11
N VAL B 80 20.60 13.07 40.58
CA VAL B 80 21.11 12.55 39.29
C VAL B 80 21.53 11.09 39.51
N ARG B 81 21.00 10.18 38.68
CA ARG B 81 21.35 8.75 38.77
C ARG B 81 22.15 8.25 37.54
N ALA B 82 21.89 8.86 36.39
CA ALA B 82 22.61 8.53 35.14
C ALA B 82 22.61 9.77 34.25
N TYR B 83 23.63 9.86 33.39
CA TYR B 83 23.87 11.00 32.49
C TYR B 83 24.34 10.44 31.16
N HIS B 84 23.59 10.72 30.10
CA HIS B 84 23.84 10.12 28.79
C HIS B 84 23.91 11.21 27.73
N PRO B 85 25.06 11.93 27.62
CA PRO B 85 25.14 12.92 26.53
C PRO B 85 25.50 12.16 25.25
N VAL B 86 24.79 12.46 24.17
CA VAL B 86 25.16 11.97 22.81
C VAL B 86 25.06 13.14 21.80
N ALA B 87 26.16 13.87 21.59
CA ALA B 87 26.15 15.03 20.68
C ALA B 87 25.10 16.03 21.13
N HIS B 88 24.16 16.35 20.24
CA HIS B 88 23.17 17.41 20.45
C HIS B 88 21.93 16.89 21.27
N LYS B 89 21.97 15.60 21.59
CA LYS B 89 20.95 14.90 22.39
C LYS B 89 21.52 14.53 23.74
N GLY B 90 20.68 14.60 24.78
CA GLY B 90 21.11 14.14 26.08
C GLY B 90 19.91 13.71 26.93
N TRP B 91 20.20 12.80 27.83
CA TRP B 91 19.23 12.31 28.81
C TRP B 91 19.83 12.30 30.18
N VAL B 92 19.10 12.83 31.15
CA VAL B 92 19.56 12.72 32.55
C VAL B 92 18.49 11.92 33.31
N VAL B 93 18.88 10.80 33.92
CA VAL B 93 17.93 10.00 34.72
C VAL B 93 17.98 10.58 36.14
N LEU B 94 16.82 10.91 36.67
CA LEU B 94 16.71 11.52 38.01
C LEU B 94 15.82 10.67 38.93
N SER B 95 16.15 10.63 40.21
CA SER B 95 15.21 10.04 41.19
C SER B 95 14.67 11.16 42.01
N ALA B 96 13.38 11.01 42.30
CA ALA B 96 12.64 11.96 43.10
C ALA B 96 12.25 11.20 44.37
N PRO B 97 11.43 11.80 45.24
CA PRO B 97 11.09 11.01 46.47
C PRO B 97 10.37 9.68 46.15
N ALA B 98 10.50 8.72 47.09
CA ALA B 98 9.76 7.44 47.08
C ALA B 98 10.12 6.54 45.86
N GLY B 99 11.37 6.65 45.42
CA GLY B 99 11.89 5.86 44.30
C GLY B 99 11.28 6.12 42.95
N VAL B 100 10.54 7.23 42.81
CA VAL B 100 9.96 7.61 41.53
C VAL B 100 11.07 8.21 40.67
N ARG B 101 11.15 7.73 39.43
CA ARG B 101 12.19 8.22 38.53
C ARG B 101 11.65 8.92 37.28
N TYR B 102 12.40 9.95 36.87
CA TYR B 102 12.08 10.75 35.70
C TYR B 102 13.33 10.80 34.80
N ILE B 103 13.11 11.19 33.55
CA ILE B 103 14.17 11.47 32.62
C ILE B 103 14.02 12.88 32.09
N LEU B 104 15.10 13.67 32.19
CA LEU B 104 15.17 15.00 31.57
C LEU B 104 15.83 14.82 30.18
N SER B 105 15.10 15.16 29.11
CA SER B 105 15.60 14.98 27.71
C SER B 105 15.93 16.35 27.09
N LEU B 106 17.14 16.50 26.57
CA LEU B 106 17.57 17.75 25.97
C LEU B 106 17.91 17.52 24.50
N THR B 107 17.55 18.49 23.66
CA THR B 107 17.95 18.53 22.25
C THR B 107 18.37 19.96 21.98
N LEU B 108 19.58 20.12 21.44
CA LEU B 108 20.16 21.45 21.27
C LEU B 108 20.25 21.82 19.81
N ASP B 109 20.35 23.13 19.54
CA ASP B 109 20.66 23.57 18.17
C ASP B 109 22.17 23.66 17.96
N SER B 110 22.58 24.17 16.78
CA SER B 110 23.98 24.11 16.39
C SER B 110 24.87 25.09 17.17
N SER B 111 24.30 25.98 17.97
CA SER B 111 25.10 26.83 18.85
C SER B 111 24.90 26.54 20.33
N GLY B 112 24.21 25.43 20.65
CA GLY B 112 24.05 25.03 22.07
C GLY B 112 22.81 25.59 22.74
N LEU B 113 21.95 26.27 21.98
CA LEU B 113 20.67 26.66 22.49
C LEU B 113 19.72 25.47 22.60
N ILE B 114 18.87 25.52 23.60
CA ILE B 114 17.93 24.41 23.84
C ILE B 114 16.76 24.49 22.87
N ARG B 115 16.55 23.41 22.11
CA ARG B 115 15.36 23.34 21.27
C ARG B 115 14.23 22.58 22.01
N ILE B 116 14.53 21.39 22.50
CA ILE B 116 13.49 20.60 23.24
C ILE B 116 13.95 20.34 24.66
N LEU B 117 13.08 20.55 25.65
CA LEU B 117 13.44 20.22 27.04
C LEU B 117 12.19 19.64 27.70
N THR B 118 12.26 18.36 28.04
CA THR B 118 11.10 17.67 28.67
C THR B 118 11.57 16.93 29.89
N LEU B 119 10.68 16.85 30.89
CA LEU B 119 10.90 15.99 32.08
C LEU B 119 9.70 15.05 32.16
N LYS B 120 9.97 13.73 32.07
CA LYS B 120 8.89 12.74 31.79
C LYS B 120 9.12 11.54 32.69
N PRO B 121 8.06 10.76 32.96
CA PRO B 121 8.29 9.50 33.65
C PRO B 121 9.39 8.70 32.98
N GLU B 122 10.18 8.01 33.79
CA GLU B 122 11.27 7.19 33.27
C GLU B 122 10.84 6.19 32.18
N THR B 123 11.68 6.06 31.15
CA THR B 123 11.56 5.02 30.13
C THR B 123 12.41 3.86 30.66
N VAL B 124 11.74 2.76 30.98
CA VAL B 124 12.41 1.57 31.57
C VAL B 124 12.73 0.53 30.48
N ILE B 125 14.03 0.21 30.33
CA ILE B 125 14.50 -0.85 29.42
C ILE B 125 15.41 -1.79 30.23
N PRO B 126 14.97 -3.03 30.44
CA PRO B 126 15.87 -3.93 31.17
C PRO B 126 17.04 -4.39 30.37
N ASP B 127 18.08 -4.85 31.09
CA ASP B 127 19.18 -5.56 30.46
C ASP B 127 18.63 -6.78 29.70
N MET B 128 19.15 -7.03 28.50
CA MET B 128 18.65 -8.11 27.64
C MET B 128 19.60 -9.31 27.66
N VAL B 129 19.04 -10.49 27.86
CA VAL B 129 19.81 -11.71 27.82
C VAL B 129 19.54 -12.48 26.53
N THR B 130 18.26 -12.53 26.13
CA THR B 130 17.86 -13.24 24.90
C THR B 130 17.09 -12.32 23.92
N TRP B 131 16.96 -12.75 22.66
CA TRP B 131 16.05 -12.05 21.75
C TRP B 131 14.58 -12.06 22.20
N ASN B 132 14.14 -13.13 22.88
CA ASN B 132 12.79 -13.10 23.43
C ASN B 132 12.59 -11.98 24.48
N ASP B 133 13.64 -11.65 25.22
CA ASP B 133 13.61 -10.49 26.16
C ASP B 133 13.26 -9.20 25.38
N VAL B 134 13.88 -9.06 24.21
CA VAL B 134 13.68 -7.90 23.34
C VAL B 134 12.23 -7.88 22.87
N GLU B 135 11.80 -8.99 22.29
CA GLU B 135 10.42 -9.11 21.81
C GLU B 135 9.34 -8.80 22.88
N GLU B 136 9.48 -9.41 24.06
CA GLU B 136 8.47 -9.25 25.11
C GLU B 136 8.51 -7.91 25.85
N THR B 137 9.68 -7.27 25.86
CA THR B 137 9.74 -5.91 26.35
C THR B 137 9.05 -4.93 25.37
N LEU B 138 9.37 -5.06 24.08
CA LEU B 138 8.98 -4.09 23.08
C LEU B 138 7.48 -4.23 22.77
N HIS B 139 6.98 -5.47 22.76
CA HIS B 139 5.57 -5.66 22.38
C HIS B 139 4.62 -4.72 23.14
N THR B 140 3.84 -3.96 22.37
CA THR B 140 2.82 -3.07 22.91
C THR B 140 1.50 -3.27 22.14
N PRO B 141 0.41 -3.61 22.86
CA PRO B 141 -0.86 -3.80 22.10
C PRO B 141 -1.25 -2.52 21.31
N GLY B 142 -1.62 -2.70 20.04
CA GLY B 142 -1.93 -1.60 19.16
C GLY B 142 -0.73 -1.06 18.36
N VAL B 143 0.48 -1.56 18.62
CA VAL B 143 1.64 -1.11 17.85
C VAL B 143 2.20 -2.25 17.06
N GLN B 144 2.43 -2.01 15.77
CA GLN B 144 3.15 -3.01 14.95
C GLN B 144 4.62 -2.73 15.14
N HIS B 145 5.39 -3.76 15.51
CA HIS B 145 6.82 -3.61 15.67
C HIS B 145 7.55 -4.63 14.82
N SER B 146 8.84 -4.36 14.64
CA SER B 146 9.75 -5.23 13.85
C SER B 146 11.17 -5.05 14.38
N VAL B 147 11.85 -6.18 14.56
CA VAL B 147 13.24 -6.23 15.03
C VAL B 147 13.92 -7.10 13.99
N TYR B 148 14.93 -6.56 13.37
CA TYR B 148 15.76 -7.37 12.44
C TYR B 148 17.24 -7.13 12.75
N ALA B 149 17.99 -8.22 12.97
CA ALA B 149 19.40 -8.14 13.23
C ALA B 149 20.13 -9.18 12.32
N VAL B 150 21.10 -8.68 11.55
CA VAL B 150 21.87 -9.50 10.61
C VAL B 150 23.39 -9.30 10.72
N ARG B 151 24.15 -10.35 10.42
CA ARG B 151 25.59 -10.28 10.40
C ARG B 151 25.95 -10.33 8.92
N LEU B 152 26.78 -9.37 8.52
CA LEU B 152 27.17 -9.23 7.12
C LEU B 152 28.55 -9.78 6.87
N THR B 153 28.66 -10.65 5.88
CA THR B 153 29.99 -11.23 5.54
C THR B 153 30.15 -11.23 4.02
N PRO B 154 31.41 -11.33 3.51
CA PRO B 154 31.58 -11.48 2.04
C PRO B 154 30.61 -12.49 1.43
N ASP B 155 30.46 -13.62 2.10
CA ASP B 155 29.55 -14.68 1.66
C ASP B 155 28.05 -14.36 1.58
N GLY B 156 27.53 -13.57 2.52
CA GLY B 156 26.14 -13.17 2.45
C GLY B 156 25.66 -12.59 3.77
N HIS B 157 24.35 -12.71 3.99
CA HIS B 157 23.72 -12.20 5.22
C HIS B 157 23.30 -13.38 6.10
N GLU B 158 23.68 -13.34 7.37
CA GLU B 158 23.18 -14.33 8.37
C GLU B 158 22.18 -13.68 9.33
N VAL B 159 20.94 -14.17 9.28
CA VAL B 159 19.91 -13.60 10.15
C VAL B 159 20.14 -14.05 11.58
N LEU B 160 20.26 -13.07 12.49
CA LEU B 160 20.46 -13.30 13.92
C LEU B 160 19.12 -13.28 14.67
N HIS B 161 18.20 -12.43 14.25
CA HIS B 161 16.86 -12.35 14.80
C HIS B 161 15.94 -11.60 13.85
N ALA B 162 14.71 -12.08 13.70
CA ALA B 162 13.74 -11.41 12.83
C ALA B 162 12.33 -11.45 13.40
N SER B 163 11.68 -10.28 13.48
CA SER B 163 10.25 -10.18 13.65
C SER B 163 9.77 -9.23 12.57
N ALA B 164 8.95 -9.77 11.63
CA ALA B 164 8.31 -8.93 10.61
C ALA B 164 9.25 -8.07 9.72
N PRO B 165 10.45 -8.59 9.36
CA PRO B 165 11.36 -7.78 8.54
C PRO B 165 10.76 -7.56 7.16
N GLU B 166 9.92 -8.50 6.71
CA GLU B 166 9.38 -8.42 5.37
C GLU B 166 8.25 -7.42 5.25
N ARG B 167 7.72 -6.97 6.40
CA ARG B 167 6.59 -6.08 6.38
C ARG B 167 7.11 -4.65 6.08
N PRO B 168 6.62 -4.00 5.02
CA PRO B 168 6.99 -2.61 4.77
C PRO B 168 6.26 -1.73 5.83
N MET B 169 6.94 -0.73 6.36
CA MET B 169 6.43 0.10 7.45
C MET B 169 6.94 1.54 7.19
N PRO B 170 6.27 2.57 7.77
CA PRO B 170 6.79 3.94 7.53
C PRO B 170 8.07 4.10 8.36
N THR B 171 8.99 4.94 7.90
CA THR B 171 10.31 5.02 8.54
C THR B 171 10.83 6.46 8.68
N GLY B 172 9.98 7.44 8.36
CA GLY B 172 10.35 8.89 8.47
C GLY B 172 11.68 9.11 7.80
N ALA B 173 12.60 9.75 8.55
CA ALA B 173 13.85 10.25 8.02
C ALA B 173 14.87 9.18 7.63
N ALA B 174 14.55 7.89 7.82
CA ALA B 174 15.37 6.83 7.21
C ALA B 174 15.52 7.03 5.71
N TYR B 175 14.53 7.71 5.11
CA TYR B 175 14.56 8.01 3.68
C TYR B 175 15.78 8.83 3.29
N LYS B 176 16.35 9.55 4.25
CA LYS B 176 17.55 10.38 3.98
C LYS B 176 18.76 9.50 3.62
N LEU B 177 18.68 8.21 3.98
CA LEU B 177 19.74 7.28 3.59
C LEU B 177 19.76 7.06 2.08
N TYR B 178 18.58 7.02 1.47
CA TYR B 178 18.50 7.00 0.00
C TYR B 178 18.94 8.32 -0.61
N LEU B 179 18.55 9.42 0.02
CA LEU B 179 18.93 10.73 -0.45
C LEU B 179 20.48 10.82 -0.46
N MET B 180 21.10 10.22 0.54
CA MET B 180 22.55 10.31 0.67
C MET B 180 23.23 9.53 -0.47
N ARG B 181 22.74 8.31 -0.71
CA ARG B 181 23.22 7.49 -1.83
C ARG B 181 23.02 8.17 -3.18
N ALA B 182 21.86 8.82 -3.37
CA ALA B 182 21.61 9.57 -4.60
C ALA B 182 22.64 10.67 -4.77
N LEU B 183 22.88 11.45 -3.71
CA LEU B 183 23.89 12.53 -3.72
C LEU B 183 25.27 11.97 -4.10
N VAL B 184 25.66 10.89 -3.42
CA VAL B 184 26.94 10.25 -3.70
C VAL B 184 27.02 9.78 -5.15
N ALA B 185 25.94 9.26 -5.70
CA ALA B 185 25.98 8.85 -7.09
C ALA B 185 26.17 10.02 -8.07
N GLU B 186 25.68 11.21 -7.71
CA GLU B 186 25.84 12.39 -8.55
C GLU B 186 27.17 13.10 -8.36
N ILE B 187 27.71 13.01 -7.15
CA ILE B 187 29.09 13.41 -6.83
C ILE B 187 30.06 12.54 -7.65
N GLU B 188 29.82 11.23 -7.70
CA GLU B 188 30.66 10.31 -8.50
C GLU B 188 30.52 10.57 -10.01
N LYS B 189 29.31 10.94 -10.45
CA LYS B 189 29.05 11.30 -11.85
C LYS B 189 29.67 12.66 -12.21
N GLY B 190 30.04 13.42 -11.18
CA GLY B 190 30.63 14.74 -11.34
C GLY B 190 29.63 15.85 -11.59
N THR B 191 28.34 15.62 -11.36
CA THR B 191 27.30 16.60 -11.72
C THR B 191 26.94 17.56 -10.57
N VAL B 192 27.51 17.28 -9.41
CA VAL B 192 27.35 18.13 -8.24
C VAL B 192 28.67 17.94 -7.52
N GLY B 193 29.07 18.92 -6.72
CA GLY B 193 30.32 18.86 -5.97
C GLY B 193 30.12 19.18 -4.50
N TRP B 194 31.02 18.69 -3.65
CA TRP B 194 30.87 18.86 -2.21
C TRP B 194 30.94 20.32 -1.80
N ASP B 195 31.69 21.12 -2.58
CA ASP B 195 31.88 22.53 -2.23
C ASP B 195 30.93 23.47 -2.94
N GLU B 196 30.07 22.91 -3.78
CA GLU B 196 29.03 23.70 -4.45
C GLU B 196 28.07 24.33 -3.44
N ILE B 197 27.58 25.55 -3.74
CA ILE B 197 26.69 26.28 -2.82
C ILE B 197 25.20 26.08 -3.13
N LEU B 198 24.46 25.75 -2.06
CA LEU B 198 23.00 25.66 -2.07
C LEU B 198 22.46 26.85 -1.31
N THR B 199 21.28 27.29 -1.69
CA THR B 199 20.75 28.51 -1.12
C THR B 199 19.37 28.28 -0.53
N LEU B 200 19.25 28.65 0.74
CA LEU B 200 17.99 28.57 1.43
C LEU B 200 17.03 29.66 0.93
N THR B 201 15.88 29.26 0.43
CA THR B 201 14.81 30.18 0.05
C THR B 201 13.64 29.87 0.95
N PRO B 202 12.66 30.80 1.06
CA PRO B 202 11.50 30.55 1.90
C PRO B 202 10.73 29.30 1.49
N GLU B 203 10.73 28.97 0.20
CA GLU B 203 10.04 27.78 -0.33
C GLU B 203 10.76 26.50 0.08
N LEU B 204 12.07 26.61 0.32
CA LEU B 204 12.87 25.41 0.68
C LEU B 204 12.87 25.13 2.19
N ARG B 205 12.37 26.06 2.98
CA ARG B 205 12.40 25.92 4.43
C ARG B 205 11.39 24.81 4.89
N SER B 206 11.88 23.84 5.67
CA SER B 206 10.99 22.81 6.28
C SER B 206 10.87 23.02 7.81
N LEU B 207 10.28 22.06 8.52
CA LEU B 207 10.16 22.11 9.99
C LEU B 207 11.31 21.28 10.59
N PRO B 208 11.57 21.42 11.91
CA PRO B 208 12.51 20.48 12.57
C PRO B 208 11.91 19.04 12.50
N THR B 209 12.70 17.99 12.74
CA THR B 209 14.09 18.06 13.22
C THR B 209 15.02 18.86 12.29
N GLY B 210 15.99 19.54 12.90
CA GLY B 210 17.03 20.25 12.15
C GLY B 210 17.25 21.63 12.68
N ASP B 211 18.30 22.26 12.16
CA ASP B 211 18.61 23.64 12.53
C ASP B 211 18.63 24.60 11.35
N MET B 212 18.83 24.09 10.13
CA MET B 212 18.93 25.03 8.96
C MET B 212 17.71 25.90 8.64
N GLN B 213 16.50 25.45 9.02
CA GLN B 213 15.31 26.31 8.90
C GLN B 213 15.45 27.63 9.67
N ASP B 214 16.33 27.65 10.66
CA ASP B 214 16.55 28.87 11.47
C ASP B 214 17.55 29.85 10.85
N LEU B 215 18.18 29.47 9.73
CA LEU B 215 19.04 30.42 8.97
C LEU B 215 18.11 31.41 8.22
N PRO B 216 18.59 32.64 7.96
CA PRO B 216 17.81 33.61 7.16
C PRO B 216 17.64 33.20 5.69
N ASP B 217 16.59 33.71 5.05
CA ASP B 217 16.45 33.50 3.60
C ASP B 217 17.73 34.00 2.94
N GLY B 218 18.14 33.33 1.88
CA GLY B 218 19.32 33.72 1.12
C GLY B 218 20.57 33.01 1.61
N THR B 219 20.48 32.29 2.74
CA THR B 219 21.68 31.71 3.35
C THR B 219 22.36 30.68 2.41
N ARG B 220 23.66 30.89 2.16
CA ARG B 220 24.45 30.05 1.25
C ARG B 220 25.29 29.08 2.01
N VAL B 221 25.13 27.81 1.67
CA VAL B 221 25.71 26.69 2.44
C VAL B 221 26.28 25.63 1.48
N THR B 222 27.41 25.01 1.81
CA THR B 222 27.93 23.97 0.89
C THR B 222 27.07 22.69 0.84
N VAL B 223 27.22 21.92 -0.24
CA VAL B 223 26.58 20.61 -0.36
C VAL B 223 27.07 19.70 0.81
N ARG B 224 28.35 19.78 1.13
CA ARG B 224 28.94 19.03 2.23
C ARG B 224 28.31 19.36 3.60
N GLU B 225 28.23 20.64 3.97
CA GLU B 225 27.64 21.00 5.27
C GLU B 225 26.15 20.68 5.33
N THR B 226 25.47 20.86 4.19
CA THR B 226 24.04 20.58 4.12
C THR B 226 23.78 19.09 4.32
N ALA B 227 24.55 18.26 3.64
CA ALA B 227 24.37 16.83 3.74
C ALA B 227 24.79 16.33 5.13
N HIS B 228 25.78 17.00 5.71
CA HIS B 228 26.26 16.65 7.06
C HIS B 228 25.11 16.83 8.04
N LYS B 229 24.46 18.00 7.99
CA LYS B 229 23.27 18.27 8.82
C LYS B 229 22.06 17.35 8.47
N MET B 230 21.86 17.06 7.20
CA MET B 230 20.79 16.16 6.76
C MET B 230 20.86 14.83 7.51
N ILE B 231 22.08 14.30 7.64
CA ILE B 231 22.25 13.05 8.36
C ILE B 231 22.39 13.28 9.88
N ALA B 232 23.42 14.01 10.29
CA ALA B 232 23.74 14.09 11.74
C ALA B 232 22.65 14.69 12.61
N LEU B 233 21.94 15.68 12.08
CA LEU B 233 20.90 16.37 12.83
C LEU B 233 19.53 15.96 12.36
N SER B 234 19.49 15.03 11.40
CA SER B 234 18.28 14.69 10.69
C SER B 234 17.58 15.99 10.20
N ASP B 235 18.39 16.89 9.60
CA ASP B 235 17.89 18.20 9.22
C ASP B 235 16.91 18.06 8.05
N ASN B 236 15.65 18.40 8.29
CA ASN B 236 14.57 18.29 7.26
C ASN B 236 14.83 19.32 6.14
N THR B 237 15.23 20.53 6.57
CA THR B 237 15.62 21.61 5.64
C THR B 237 16.84 21.23 4.78
N GLY B 238 17.90 20.73 5.42
CA GLY B 238 19.05 20.22 4.68
C GLY B 238 18.63 19.14 3.72
N ALA B 239 17.79 18.22 4.19
CA ALA B 239 17.35 17.17 3.29
C ALA B 239 16.62 17.72 2.06
N ASP B 240 15.72 18.68 2.26
CA ASP B 240 14.92 19.24 1.16
C ASP B 240 15.83 20.06 0.22
N LEU B 241 16.85 20.73 0.78
CA LEU B 241 17.85 21.45 -0.06
C LEU B 241 18.51 20.48 -1.03
N VAL B 242 18.94 19.33 -0.50
CA VAL B 242 19.67 18.34 -1.27
C VAL B 242 18.72 17.69 -2.29
N ALA B 243 17.53 17.32 -1.85
CA ALA B 243 16.51 16.80 -2.78
C ALA B 243 16.17 17.75 -3.95
N ASP B 244 16.07 19.04 -3.65
CA ASP B 244 15.81 20.07 -4.70
C ASP B 244 16.98 20.11 -5.69
N ARG B 245 18.20 20.14 -5.14
CA ARG B 245 19.39 20.20 -5.95
C ARG B 245 19.48 19.01 -6.87
N LEU B 246 19.19 17.79 -6.37
CA LEU B 246 19.34 16.61 -7.22
C LEU B 246 18.22 16.43 -8.21
N GLY B 247 17.03 16.88 -7.82
CA GLY B 247 15.80 16.70 -8.59
C GLY B 247 15.12 15.38 -8.22
N ARG B 248 13.80 15.38 -8.21
CA ARG B 248 13.01 14.19 -7.78
C ARG B 248 13.26 12.89 -8.54
N GLU B 249 13.51 12.99 -9.85
CA GLU B 249 13.87 11.83 -10.71
C GLU B 249 15.21 11.22 -10.34
N VAL B 250 16.21 12.06 -10.12
CA VAL B 250 17.51 11.60 -9.66
C VAL B 250 17.41 10.92 -8.28
N VAL B 251 16.64 11.52 -7.37
CA VAL B 251 16.44 10.94 -6.03
C VAL B 251 15.78 9.58 -6.13
N GLU B 252 14.75 9.46 -6.97
CA GLU B 252 14.03 8.21 -7.13
C GLU B 252 14.92 7.08 -7.67
N ARG B 253 16.03 7.47 -8.32
CA ARG B 253 17.04 6.54 -8.82
C ARG B 253 17.75 5.73 -7.74
N SER B 254 17.98 6.34 -6.55
CA SER B 254 18.60 5.59 -5.45
C SER B 254 17.81 4.35 -5.05
N LEU B 255 16.56 4.27 -5.50
CA LEU B 255 15.66 3.29 -4.96
C LEU B 255 16.08 1.93 -5.51
N ALA B 256 15.96 1.76 -6.82
CA ALA B 256 16.33 0.48 -7.44
C ALA B 256 17.82 0.13 -7.22
N ALA B 257 18.67 1.16 -7.30
CA ALA B 257 20.12 1.05 -7.24
C ALA B 257 20.56 0.67 -5.86
N ALA B 258 19.77 1.12 -4.92
CA ALA B 258 20.18 1.15 -3.56
C ALA B 258 19.46 0.12 -2.75
N GLY B 259 18.65 -0.73 -3.38
CA GLY B 259 18.01 -1.89 -2.71
C GLY B 259 16.47 -2.14 -2.76
N HIS B 260 15.70 -1.06 -2.94
CA HIS B 260 14.31 -1.01 -2.47
C HIS B 260 13.39 -2.10 -3.09
N HIS B 261 12.70 -2.88 -2.26
CA HIS B 261 11.87 -4.02 -2.76
C HIS B 261 10.77 -3.61 -3.75
N ASP B 262 10.36 -2.36 -3.67
CA ASP B 262 9.27 -1.86 -4.49
C ASP B 262 9.31 -0.34 -4.61
N PRO B 263 10.24 0.17 -5.46
CA PRO B 263 10.45 1.60 -5.63
C PRO B 263 9.17 2.45 -5.78
N SER B 264 8.11 1.89 -6.40
CA SER B 264 6.79 2.56 -6.51
C SER B 264 6.15 2.95 -5.15
N LEU B 265 6.52 2.25 -4.08
CA LEU B 265 6.14 2.64 -2.71
C LEU B 265 6.68 4.02 -2.31
N MET B 266 7.70 4.47 -3.04
CA MET B 266 8.36 5.74 -2.77
C MET B 266 8.41 6.69 -3.98
N ARG B 267 7.41 6.58 -4.86
CA ARG B 267 7.23 7.47 -6.03
C ARG B 267 5.81 8.05 -6.12
N PRO B 268 5.65 9.40 -6.18
CA PRO B 268 6.72 10.40 -6.05
C PRO B 268 7.46 10.37 -4.73
N PHE B 269 8.77 10.59 -4.79
CA PHE B 269 9.60 10.52 -3.61
C PHE B 269 9.47 11.86 -2.89
N LEU B 270 8.82 11.79 -1.75
CA LEU B 270 8.34 13.01 -1.06
C LEU B 270 9.51 13.67 -0.34
N THR B 271 9.41 15.00 -0.23
CA THR B 271 10.29 15.80 0.58
C THR B 271 9.64 15.93 1.97
N SER B 272 10.41 16.35 2.95
CA SER B 272 9.85 16.52 4.29
C SER B 272 8.75 17.59 4.32
N HIS B 273 9.02 18.74 3.70
CA HIS B 273 8.10 19.81 3.49
C HIS B 273 6.78 19.24 2.91
N GLU B 274 6.86 18.37 1.89
CA GLU B 274 5.66 17.80 1.27
C GLU B 274 4.82 16.91 2.23
N VAL B 275 5.48 16.04 2.98
CA VAL B 275 4.82 15.22 3.98
C VAL B 275 4.13 16.09 5.04
N PHE B 276 4.84 17.08 5.59
CA PHE B 276 4.25 17.99 6.57
C PHE B 276 3.01 18.69 5.95
N GLU B 277 3.19 19.23 4.74
CA GLU B 277 2.16 20.11 4.14
C GLU B 277 0.93 19.27 3.71
N LEU B 278 1.18 18.14 3.07
CA LEU B 278 0.14 17.12 2.75
C LEU B 278 -0.49 16.50 3.99
N GLY B 279 0.34 16.06 4.94
CA GLY B 279 -0.14 15.30 6.05
C GLY B 279 -1.02 16.11 7.00
N TRP B 280 -0.68 17.39 7.19
CA TRP B 280 -1.39 18.20 8.18
C TRP B 280 -1.96 19.51 7.65
N GLY B 281 -1.86 19.70 6.33
CA GLY B 281 -2.45 20.88 5.69
C GLY B 281 -3.86 20.63 5.18
N ASP B 282 -4.21 21.36 4.12
CA ASP B 282 -5.53 21.31 3.44
C ASP B 282 -6.09 19.86 3.43
N PRO B 283 -7.22 19.61 4.14
CA PRO B 283 -7.72 18.21 4.13
C PRO B 283 -8.25 17.73 2.78
N GLU B 284 -8.81 18.63 1.96
CA GLU B 284 -9.33 18.22 0.65
C GLU B 284 -8.21 17.77 -0.30
N ARG B 285 -7.06 18.44 -0.26
CA ARG B 285 -5.88 18.02 -1.00
C ARG B 285 -5.37 16.66 -0.52
N ARG B 286 -5.36 16.43 0.79
CA ARG B 286 -4.89 15.14 1.33
C ARG B 286 -5.80 13.97 0.86
N ALA B 287 -7.09 14.25 0.78
CA ALA B 287 -8.07 13.23 0.40
C ALA B 287 -7.91 12.95 -1.07
N GLU B 288 -7.46 13.95 -1.80
CA GLU B 288 -7.20 13.82 -3.22
C GLU B 288 -5.92 13.01 -3.42
N TRP B 289 -4.90 13.27 -2.60
CA TRP B 289 -3.67 12.51 -2.64
C TRP B 289 -3.94 11.01 -2.46
N VAL B 290 -4.73 10.69 -1.45
CA VAL B 290 -5.10 9.29 -1.13
C VAL B 290 -5.66 8.57 -2.38
N ARG B 291 -6.52 9.26 -3.12
CA ARG B 291 -7.26 8.70 -4.27
C ARG B 291 -6.49 8.72 -5.59
N GLN B 292 -5.39 9.48 -5.66
CA GLN B 292 -4.71 9.72 -6.94
C GLN B 292 -3.68 8.66 -7.34
N ASP B 293 -3.44 8.56 -8.65
CA ASP B 293 -2.39 7.70 -9.17
C ASP B 293 -1.04 8.44 -9.21
N GLU B 294 0.04 7.75 -9.56
CA GLU B 294 1.40 8.32 -9.49
C GLU B 294 1.53 9.66 -10.21
N ALA B 295 1.06 9.70 -11.46
CA ALA B 295 1.10 10.96 -12.21
C ALA B 295 0.24 12.05 -11.56
N GLY B 296 -0.97 11.71 -11.13
CA GLY B 296 -1.88 12.64 -10.46
C GLY B 296 -1.37 13.16 -9.11
N ARG B 297 -0.61 12.32 -8.42
CA ARG B 297 0.14 12.76 -7.25
C ARG B 297 1.29 13.76 -7.57
N ARG B 298 2.03 13.51 -8.64
CA ARG B 298 3.11 14.43 -9.04
C ARG B 298 2.57 15.83 -9.33
N GLU B 299 1.44 15.90 -10.04
CA GLU B 299 0.79 17.15 -10.39
C GLU B 299 0.30 17.91 -9.16
N LEU B 300 -0.33 17.19 -8.24
CA LEU B 300 -0.71 17.74 -6.95
C LEU B 300 0.50 18.38 -6.20
N LEU B 301 1.64 17.69 -6.19
CA LEU B 301 2.84 18.23 -5.53
C LEU B 301 3.39 19.46 -6.26
N GLU B 302 3.38 19.40 -7.59
CA GLU B 302 3.77 20.53 -8.40
C GLU B 302 2.95 21.77 -7.98
N LYS B 303 1.63 21.61 -7.97
CA LYS B 303 0.72 22.70 -7.59
C LYS B 303 0.93 23.16 -6.14
N MET B 304 1.43 22.25 -5.30
CA MET B 304 1.52 22.53 -3.87
C MET B 304 2.79 23.31 -3.55
N ALA B 305 3.75 23.32 -4.48
CA ALA B 305 5.05 24.00 -4.26
C ALA B 305 4.88 25.46 -3.82
N GLY B 306 5.78 25.92 -2.94
CA GLY B 306 5.66 27.25 -2.36
C GLY B 306 6.02 27.22 -0.90
N VAL B 307 5.63 28.24 -0.15
CA VAL B 307 6.01 28.33 1.27
C VAL B 307 5.04 27.51 2.13
N MET B 308 5.57 26.78 3.12
CA MET B 308 4.74 25.99 4.04
C MET B 308 3.64 26.80 4.72
N THR B 309 2.45 26.19 4.85
CA THR B 309 1.39 26.76 5.66
C THR B 309 1.33 26.02 6.99
N VAL B 310 1.78 24.76 6.99
CA VAL B 310 1.73 23.90 8.17
C VAL B 310 2.84 24.30 9.17
N ARG B 311 2.47 24.34 10.45
CA ARG B 311 3.40 24.64 11.55
C ARG B 311 3.58 23.42 12.45
N GLY B 312 4.61 23.43 13.27
CA GLY B 312 4.84 22.29 14.21
C GLY B 312 3.59 21.93 15.03
N SER B 313 2.85 22.97 15.43
CA SER B 313 1.70 22.81 16.28
C SER B 313 0.50 22.14 15.55
N ASP B 314 0.60 21.94 14.23
CA ASP B 314 -0.49 21.31 13.49
C ASP B 314 -0.36 19.80 13.45
N LEU B 315 0.84 19.32 13.73
CA LEU B 315 1.13 17.90 13.72
C LEU B 315 0.44 17.24 14.89
N GLY B 316 -0.13 16.07 14.63
CA GLY B 316 -0.69 15.29 15.72
C GLY B 316 -1.28 13.98 15.26
N ALA B 317 -2.25 14.07 14.36
CA ALA B 317 -2.93 12.91 13.79
C ALA B 317 -1.96 12.10 12.99
N THR B 318 -2.15 10.78 12.96
CA THR B 318 -1.25 9.96 12.18
C THR B 318 -1.76 9.96 10.74
N VAL B 319 -0.82 9.98 9.79
CA VAL B 319 -1.14 9.94 8.35
C VAL B 319 -0.31 8.88 7.61
N HIS B 320 0.60 8.19 8.30
CA HIS B 320 1.40 7.19 7.56
C HIS B 320 0.54 6.17 6.82
N GLN B 321 -0.58 5.79 7.43
CA GLN B 321 -1.53 4.79 6.90
C GLN B 321 -2.16 5.22 5.57
N LEU B 322 -2.01 6.51 5.22
CA LEU B 322 -2.47 7.04 3.92
C LEU B 322 -1.32 7.16 2.96
N GLY B 323 -0.18 6.60 3.37
CA GLY B 323 1.00 6.56 2.54
C GLY B 323 1.82 7.83 2.56
N ILE B 324 1.49 8.73 3.51
CA ILE B 324 2.21 10.01 3.67
C ILE B 324 3.37 9.86 4.63
N ASP B 325 4.39 9.18 4.12
CA ASP B 325 5.60 8.89 4.86
C ASP B 325 6.46 8.20 3.81
N TRP B 326 7.53 7.54 4.25
CA TRP B 326 8.41 6.81 3.40
C TRP B 326 8.45 5.33 3.86
N HIS B 327 7.91 4.42 3.06
CA HIS B 327 7.78 3.03 3.47
C HIS B 327 8.91 2.17 2.91
N MET B 328 9.47 1.37 3.79
CA MET B 328 10.60 0.49 3.55
C MET B 328 10.37 -0.79 4.34
N ASP B 329 10.91 -1.91 3.85
CA ASP B 329 11.01 -3.11 4.70
C ASP B 329 12.36 -3.15 5.40
N ALA B 330 12.59 -4.11 6.28
CA ALA B 330 13.83 -4.08 7.07
C ALA B 330 14.99 -4.49 6.17
N PHE B 331 14.67 -5.32 5.17
CA PHE B 331 15.71 -5.78 4.22
C PHE B 331 16.22 -4.57 3.40
N ASP B 332 15.33 -3.66 3.02
CA ASP B 332 15.65 -2.42 2.33
C ASP B 332 16.64 -1.60 3.15
N VAL B 333 16.33 -1.45 4.45
CA VAL B 333 17.26 -0.76 5.35
C VAL B 333 18.69 -1.34 5.37
N VAL B 334 18.81 -2.65 5.50
CA VAL B 334 20.10 -3.28 5.48
C VAL B 334 20.84 -2.96 4.14
N ARG B 335 20.15 -3.13 3.01
CA ARG B 335 20.71 -2.89 1.70
C ARG B 335 21.19 -1.43 1.51
N VAL B 336 20.44 -0.43 1.98
CA VAL B 336 20.90 0.95 1.81
C VAL B 336 22.09 1.27 2.74
N LEU B 337 22.11 0.70 3.95
CA LEU B 337 23.26 0.88 4.85
C LEU B 337 24.49 0.18 4.30
N GLU B 338 24.32 -1.03 3.77
CA GLU B 338 25.46 -1.72 3.11
C GLU B 338 25.95 -0.96 1.86
N GLY B 339 25.00 -0.47 1.06
CA GLY B 339 25.30 0.44 -0.04
C GLY B 339 26.15 1.63 0.39
N LEU B 340 25.79 2.30 1.49
CA LEU B 340 26.54 3.45 2.00
C LEU B 340 27.94 3.09 2.54
N LEU B 341 28.04 1.92 3.17
CA LEU B 341 29.34 1.40 3.55
C LEU B 341 30.26 1.27 2.31
N GLN B 342 29.74 0.72 1.21
CA GLN B 342 30.51 0.60 -0.05
C GLN B 342 30.82 1.97 -0.65
N ASP B 343 29.82 2.86 -0.66
CA ASP B 343 30.01 4.23 -1.15
C ASP B 343 31.13 4.94 -0.38
N SER B 344 31.17 4.78 0.94
CA SER B 344 32.11 5.51 1.75
C SER B 344 33.54 5.00 1.49
N GLY B 345 33.68 3.68 1.41
CA GLY B 345 34.91 3.03 0.94
C GLY B 345 35.41 3.55 -0.41
N ARG B 346 34.53 3.68 -1.40
CA ARG B 346 34.91 4.27 -2.70
C ARG B 346 35.35 5.72 -2.60
N ASP B 347 34.86 6.44 -1.59
CA ASP B 347 35.19 7.87 -1.44
C ASP B 347 36.44 8.08 -0.59
N THR B 348 37.59 8.16 -1.23
CA THR B 348 38.88 8.23 -0.53
C THR B 348 39.16 9.56 0.18
N SER B 349 38.34 10.57 -0.14
CA SER B 349 38.39 11.85 0.57
C SER B 349 37.87 11.71 2.01
N GLY B 350 37.09 10.65 2.26
CA GLY B 350 36.50 10.42 3.58
C GLY B 350 35.40 11.41 3.94
N THR B 351 34.89 12.14 2.93
CA THR B 351 33.77 13.08 3.15
C THR B 351 32.49 12.31 3.56
N VAL B 352 32.16 11.31 2.77
CA VAL B 352 31.03 10.41 3.11
C VAL B 352 31.18 9.77 4.52
N GLU B 353 32.37 9.21 4.83
CA GLU B 353 32.58 8.65 6.14
C GLU B 353 32.33 9.67 7.24
N GLU B 354 32.75 10.92 7.05
CA GLU B 354 32.68 11.86 8.15
C GLU B 354 31.20 12.22 8.44
N ILE B 355 30.40 12.28 7.39
CA ILE B 355 28.96 12.58 7.47
C ILE B 355 28.23 11.44 8.21
N LEU B 356 28.58 10.21 7.87
CA LEU B 356 27.85 9.06 8.42
C LEU B 356 28.19 8.70 9.85
N THR B 357 29.38 9.07 10.28
CA THR B 357 29.84 8.63 11.60
C THR B 357 29.80 9.76 12.62
N ALA B 358 29.26 10.93 12.22
CA ALA B 358 29.27 12.08 13.13
C ALA B 358 28.41 11.79 14.35
N TYR B 359 27.29 11.10 14.15
CA TYR B 359 26.29 10.97 15.21
C TYR B 359 25.80 9.53 15.27
N PRO B 360 26.35 8.73 16.22
CA PRO B 360 25.99 7.32 16.25
C PRO B 360 24.73 6.98 17.07
N GLY B 361 24.02 8.00 17.59
CA GLY B 361 22.77 7.75 18.30
C GLY B 361 22.86 7.24 19.73
N LEU B 362 24.05 6.78 20.12
CA LEU B 362 24.36 6.16 21.42
C LEU B 362 25.78 6.47 21.81
N LEU B 363 26.13 6.28 23.08
CA LEU B 363 27.54 6.13 23.49
C LEU B 363 28.02 4.75 23.00
N ILE B 364 29.04 4.75 22.15
CA ILE B 364 29.56 3.53 21.53
C ILE B 364 30.85 3.03 22.19
N ASP B 365 30.94 1.70 22.34
CA ASP B 365 32.16 1.05 22.75
C ASP B 365 33.15 0.98 21.57
N GLU B 366 34.06 1.95 21.53
CA GLU B 366 34.95 2.10 20.39
C GLU B 366 36.06 1.04 20.39
N GLU B 367 36.27 0.43 21.55
CA GLU B 367 37.21 -0.71 21.68
C GLU B 367 36.71 -1.92 20.90
N ARG B 368 35.38 -2.00 20.71
CA ARG B 368 34.75 -3.09 20.02
C ARG B 368 34.47 -2.75 18.58
N TRP B 369 33.97 -1.53 18.36
CA TRP B 369 33.42 -1.08 17.11
C TRP B 369 34.32 -0.05 16.42
N ARG B 370 34.78 -0.37 15.22
CA ARG B 370 35.65 0.53 14.44
C ARG B 370 34.80 1.62 13.83
N ARG B 371 33.61 1.27 13.39
CA ARG B 371 32.70 2.26 12.81
C ARG B 371 31.22 1.95 13.08
N VAL B 372 30.44 3.01 13.21
CA VAL B 372 29.01 2.88 13.48
C VAL B 372 28.32 3.91 12.63
N TYR B 373 27.36 3.43 11.82
CA TYR B 373 26.41 4.30 11.11
C TYR B 373 25.09 4.25 11.86
N PHE B 374 24.31 5.32 11.79
CA PHE B 374 23.10 5.45 12.56
C PHE B 374 22.12 6.36 11.81
N LYS B 375 20.84 5.98 11.79
CA LYS B 375 19.78 6.91 11.38
C LYS B 375 18.48 6.61 12.14
N ALA B 376 17.77 7.69 12.45
CA ALA B 376 16.52 7.63 13.15
C ALA B 376 15.44 8.15 12.21
N GLY B 377 14.21 7.75 12.47
CA GLY B 377 13.01 8.27 11.80
C GLY B 377 11.84 8.37 12.78
N SER B 378 11.10 9.48 12.73
CA SER B 378 9.87 9.61 13.48
C SER B 378 8.86 10.59 12.86
N SER B 379 7.61 10.23 13.00
CA SER B 379 6.49 11.04 12.59
CA SER B 379 6.46 11.01 12.56
C SER B 379 5.37 10.57 13.51
N PRO B 380 4.23 11.30 13.56
CA PRO B 380 3.14 10.78 14.39
C PRO B 380 2.78 9.31 14.07
N GLY B 381 2.83 8.49 15.10
CA GLY B 381 2.58 7.07 14.95
C GLY B 381 3.71 6.25 14.30
N VAL B 382 4.92 6.79 14.28
CA VAL B 382 6.08 6.16 13.62
C VAL B 382 7.36 6.39 14.41
N MET B 383 8.14 5.33 14.66
CA MET B 383 9.45 5.46 15.25
C MET B 383 10.34 4.39 14.65
N MET B 384 11.55 4.79 14.26
CA MET B 384 12.49 3.85 13.69
C MET B 384 13.91 4.22 14.10
N PHE B 385 14.74 3.21 14.37
CA PHE B 385 16.18 3.40 14.53
C PHE B 385 16.88 2.27 13.79
N CYS B 386 18.03 2.61 13.21
CA CYS B 386 18.94 1.60 12.62
C CYS B 386 20.38 1.96 12.85
N TRP B 387 21.21 0.92 12.96
CA TRP B 387 22.62 1.06 13.07
C TRP B 387 23.30 0.02 12.16
N LEU B 388 24.44 0.40 11.61
CA LEU B 388 25.46 -0.55 11.10
C LEU B 388 26.67 -0.43 12.05
N LEU B 389 27.18 -1.57 12.52
CA LEU B 389 28.31 -1.57 13.45
C LEU B 389 29.33 -2.52 12.87
N GLN B 390 30.52 -2.01 12.57
CA GLN B 390 31.60 -2.84 12.04
C GLN B 390 32.74 -2.94 13.05
N ASP B 391 33.18 -4.17 13.35
CA ASP B 391 34.22 -4.33 14.34
C ASP B 391 35.61 -4.18 13.74
N HIS B 392 36.63 -4.22 14.61
CA HIS B 392 38.00 -4.06 14.18
C HIS B 392 38.48 -5.13 13.21
N ALA B 393 37.81 -6.29 13.18
CA ALA B 393 38.15 -7.36 12.23
C ALA B 393 37.38 -7.20 10.93
N GLY B 394 36.45 -6.24 10.90
CA GLY B 394 35.70 -5.90 9.70
C GLY B 394 34.39 -6.63 9.52
N ILE B 395 33.95 -7.33 10.56
CA ILE B 395 32.64 -8.02 10.50
C ILE B 395 31.59 -6.92 10.77
N SER B 396 30.59 -6.82 9.90
CA SER B 396 29.50 -5.85 10.12
C SER B 396 28.19 -6.49 10.59
N TYR B 397 27.41 -5.70 11.36
CA TYR B 397 26.09 -6.10 11.81
C TYR B 397 25.14 -4.94 11.49
N VAL B 398 23.93 -5.27 11.10
CA VAL B 398 22.87 -4.24 11.00
C VAL B 398 21.71 -4.55 11.94
N LEU B 399 21.21 -3.51 12.61
CA LEU B 399 20.07 -3.63 13.50
C LEU B 399 19.03 -2.61 13.07
N VAL B 400 17.83 -3.09 12.82
CA VAL B 400 16.72 -2.24 12.29
C VAL B 400 15.57 -2.43 13.26
N LEU B 401 15.16 -1.36 13.91
CA LEU B 401 14.01 -1.39 14.82
C LEU B 401 12.94 -0.40 14.32
N ARG B 402 11.69 -0.84 14.26
CA ARG B 402 10.58 -0.07 13.69
C ARG B 402 9.29 -0.25 14.51
N GLN B 403 8.56 0.85 14.68
CA GLN B 403 7.27 0.84 15.27
C GLN B 403 6.32 1.67 14.43
N SER B 404 5.08 1.20 14.26
CA SER B 404 3.99 2.04 13.74
C SER B 404 2.70 1.82 14.51
N ALA B 405 1.83 2.83 14.56
CA ALA B 405 0.65 2.74 15.39
C ALA B 405 -0.30 3.82 14.93
N ASP B 406 -1.58 3.62 15.19
CA ASP B 406 -2.61 4.60 14.81
C ASP B 406 -2.71 5.73 15.83
N GLU B 407 -2.06 5.57 16.99
CA GLU B 407 -2.06 6.64 18.01
C GLU B 407 -0.63 6.94 18.41
N GLN B 408 -0.24 8.22 18.31
CA GLN B 408 1.11 8.59 18.75
C GLN B 408 1.49 8.20 20.23
N ARG B 409 0.50 8.28 21.14
CA ARG B 409 0.75 7.97 22.55
C ARG B 409 1.21 6.54 22.83
N LEU B 410 0.85 5.60 21.94
CA LEU B 410 1.33 4.23 22.08
C LEU B 410 2.81 4.06 21.78
N ILE B 411 3.40 5.09 21.14
CA ILE B 411 4.82 5.06 20.76
C ILE B 411 5.69 5.94 21.68
N GLY B 412 5.28 7.19 21.89
CA GLY B 412 6.07 8.06 22.76
C GLY B 412 7.20 8.79 22.06
N ASP B 413 8.14 9.30 22.86
CA ASP B 413 9.15 10.19 22.30
C ASP B 413 10.36 9.45 21.65
N GLY B 414 10.34 8.13 21.77
CA GLY B 414 11.23 7.21 21.04
C GLY B 414 12.45 6.82 21.82
N LEU B 415 12.50 7.22 23.10
CA LEU B 415 13.61 6.78 23.95
C LEU B 415 13.51 5.27 24.20
N PHE B 416 12.27 4.77 24.24
CA PHE B 416 12.02 3.34 24.45
C PHE B 416 12.71 2.53 23.34
N LEU B 417 12.35 2.83 22.09
CA LEU B 417 12.94 2.10 20.95
C LEU B 417 14.45 2.28 20.84
N ARG B 418 14.96 3.51 21.07
CA ARG B 418 16.42 3.71 21.01
C ARG B 418 17.08 2.90 22.12
N GLY B 419 16.45 2.93 23.31
CA GLY B 419 16.98 2.25 24.47
C GLY B 419 17.06 0.73 24.27
N ILE B 420 16.04 0.18 23.63
CA ILE B 420 16.05 -1.23 23.27
C ILE B 420 17.25 -1.55 22.38
N GLY B 421 17.52 -0.70 21.39
CA GLY B 421 18.74 -0.83 20.57
C GLY B 421 19.98 -0.71 21.44
N ALA B 422 19.94 0.24 22.35
CA ALA B 422 21.05 0.48 23.30
C ALA B 422 21.42 -0.82 24.08
N LYS B 423 20.40 -1.50 24.62
CA LYS B 423 20.57 -2.78 25.33
C LYS B 423 21.01 -3.97 24.46
N ILE B 424 20.46 -4.06 23.25
CA ILE B 424 20.93 -5.11 22.32
C ILE B 424 22.41 -4.95 22.04
N ILE B 425 22.81 -3.69 21.76
CA ILE B 425 24.20 -3.37 21.50
C ILE B 425 25.10 -3.58 22.73
N GLU B 426 24.66 -3.17 23.92
CA GLU B 426 25.41 -3.47 25.14
C GLU B 426 25.62 -5.00 25.34
N ALA B 427 24.59 -5.78 25.01
CA ALA B 427 24.62 -7.28 25.06
C ALA B 427 25.01 -7.94 23.71
N GLU B 428 25.83 -7.26 22.91
CA GLU B 428 26.16 -7.73 21.57
C GLU B 428 26.80 -9.13 21.61
N ALA B 429 27.59 -9.40 22.66
CA ALA B 429 28.28 -10.72 22.79
C ALA B 429 27.27 -11.85 22.91
N LYS B 430 26.05 -11.52 23.39
CA LYS B 430 24.99 -12.52 23.57
C LYS B 430 24.09 -12.55 22.37
N LEU B 431 23.83 -11.38 21.82
CA LEU B 431 22.76 -11.21 20.85
C LEU B 431 23.24 -11.14 19.41
N LEU B 432 24.44 -10.59 19.20
CA LEU B 432 24.95 -10.41 17.82
C LEU B 432 26.08 -11.37 17.46
N SER B 433 27.12 -11.39 18.28
CA SER B 433 28.33 -12.11 17.92
C SER B 433 28.50 -13.41 18.69
N SER B 434 27.40 -13.93 19.24
CA SER B 434 27.47 -15.13 20.08
C SER B 434 27.92 -16.36 19.29
N GLY B 435 27.48 -16.48 18.04
CA GLY B 435 27.76 -17.65 17.20
C GLY B 435 29.07 -17.53 16.45
O2 J01 C . -20.88 -7.56 -3.55
C5 J01 C . -21.51 -6.55 -3.32
C4 J01 C . -22.28 -5.62 -4.21
C3 J01 C . -22.83 -5.14 -2.85
N1 J01 C . -21.81 -5.93 -2.09
O1 J01 C . -24.11 -5.72 -2.57
C1 J01 C . -23.94 -6.69 -1.51
C2 J01 C . -22.50 -6.73 -1.08
C8 J01 C . -22.36 -6.05 0.26
O5 J01 C . -22.83 -6.63 1.24
O4 J01 C . -21.77 -4.93 0.33
C6 J01 C . -24.94 -7.41 -0.95
C7 J01 C . -26.38 -7.33 -1.43
O3 J01 C . -27.28 -7.08 -0.33
O2 J01 D . -22.45 -9.75 -13.20
C5 J01 D . -21.43 -10.41 -13.05
C4 J01 D . -21.26 -11.90 -12.91
C3 J01 D . -19.77 -11.50 -12.95
N1 J01 D . -20.08 -10.04 -12.96
O1 J01 D . -19.23 -11.78 -14.25
C1 J01 D . -18.88 -10.54 -14.86
C2 J01 D . -19.52 -9.37 -14.15
C8 J01 D . -18.47 -8.35 -13.69
O5 J01 D . -17.60 -7.97 -14.53
O4 J01 D . -18.49 -7.93 -12.48
C6 J01 D . -18.13 -10.48 -15.97
C7 J01 D . -17.56 -11.79 -16.47
O3 J01 D . -17.91 -12.04 -17.83
O2 J01 E . 19.33 4.74 24.25
C5 J01 E . 19.99 5.24 25.14
C4 J01 E . 20.28 6.69 25.39
C3 J01 E . 20.80 6.11 26.71
N1 J01 E . 20.70 4.70 26.25
O1 J01 E . 19.84 6.31 27.75
C1 J01 E . 19.27 5.01 28.03
C2 J01 E . 19.84 3.92 27.17
C8 J01 E . 20.66 2.91 27.94
O5 J01 E . 20.06 2.09 28.63
O4 J01 E . 21.91 2.88 27.85
C6 J01 E . 18.29 4.81 28.92
C7 J01 E . 17.78 5.99 29.73
O3 J01 E . 17.69 5.57 31.09
O2 J01 F . 14.57 12.23 19.37
C5 J01 F . 14.43 11.43 18.46
C4 J01 F . 13.24 10.65 18.00
C3 J01 F . 14.26 10.12 16.98
N1 J01 F . 15.38 10.89 17.57
O1 J01 F . 13.99 10.68 15.70
C1 J01 F . 15.07 11.58 15.38
C2 J01 F . 15.98 11.79 16.56
C8 J01 F . 17.43 11.39 16.28
O5 J01 F . 18.02 11.82 15.24
O4 J01 F . 18.04 10.66 17.10
C6 J01 F . 15.23 12.11 14.15
C7 J01 F . 14.20 11.72 13.11
O3 J01 F . 13.82 12.87 12.36
#